data_8SVE
#
_entry.id   8SVE
#
_cell.length_a   80.641
_cell.length_b   104.662
_cell.length_c   82.826
_cell.angle_alpha   90.000
_cell.angle_beta   115.290
_cell.angle_gamma   90.000
#
_symmetry.space_group_name_H-M   'P 1 21 1'
#
loop_
_entity.id
_entity.type
_entity.pdbx_description
1 polymer 'Fab Heavy chain'
2 polymer 'Interleukin-10,Fab light chain'
3 non-polymer 'ACETATE ION'
4 non-polymer 1,2-ETHANEDIOL
5 water water
#
loop_
_entity_poly.entity_id
_entity_poly.type
_entity_poly.pdbx_seq_one_letter_code
_entity_poly.pdbx_strand_id
1 'polypeptide(L)'
;(PCA)VTLRESGPALVKPTQTLTLTCTFSGFSLSTSGMSVGWIRQPPGKALEWLADIWWDDKKDYNPSLKSRLTISKDTS
ANQVVLKVTNMDPADTATYYCARSMITNWYFDVWGAGTTVTVSSASTKGPSVFPLAPSSKSTSGGTAALGCLVKDYFPEP
VTVSWNSGALTSGVHTFPAVLQSSGLYSLSSVVTVPSSSLGTQTYICNVNHKPSNTKVDKRVEPKSCDKTH
;
H,I
2 'polypeptide(L)'
;DIQMTQSPSTLSASVGDRVTITCKAQLSSPGQGTQSENSCTHFPGNLPNMLRDLRDAFSRVKTFFQMKDQLDNLLLKESL
LEDFKGYLGCQALSEMIQFYLEEVMPQAENQDPDIKAHVNSLGENLKTLRLRLRRCHRFLPCENGGGSGGKSKAVEQVKN
AFNKLQEKGIYKAMSEFDIFINYIEAYMTMKIRNVGYMHWYQQKPGKAPKLLIYDTSKLASGVPSRFSGSGSGTAFTLTI
SSLQPDDFATYYCFQGSGYPFTFGGGTKLEIKRTVAAPSVFIFPPSDEQLKSGTASVVCLLNNFYPREAKVQWKVDNALQ
SGNSQESVTEQDSKDSTYSLSSTLTLSKADYEKHKVYACEVTHQGLSSPVTKSFNRGEC
;
L,M
#
loop_
_chem_comp.id
_chem_comp.type
_chem_comp.name
_chem_comp.formula
ACT non-polymer 'ACETATE ION' 'C2 H3 O2 -1'
EDO non-polymer 1,2-ETHANEDIOL 'C2 H6 O2'
#
# COMPACT_ATOMS: atom_id res chain seq x y z
N PCA A 1 14.26 -10.10 -8.94
CA PCA A 1 15.19 -11.18 -8.63
CB PCA A 1 15.59 -11.96 -9.89
CG PCA A 1 14.65 -11.50 -10.97
CD PCA A 1 13.96 -10.31 -10.35
OE PCA A 1 13.18 -9.59 -10.98
C PCA A 1 16.38 -10.47 -7.99
O PCA A 1 16.37 -10.13 -6.81
N VAL A 2 17.39 -10.21 -8.81
CA VAL A 2 18.55 -9.46 -8.37
C VAL A 2 18.18 -7.97 -8.24
N THR A 3 19.05 -7.20 -7.58
CA THR A 3 18.79 -5.79 -7.32
C THR A 3 20.06 -5.01 -7.68
N LEU A 4 19.86 -3.82 -8.27
CA LEU A 4 20.95 -2.92 -8.64
C LEU A 4 20.59 -1.49 -8.23
N ARG A 5 21.60 -0.70 -7.86
N ARG A 5 21.61 -0.71 -7.84
CA ARG A 5 21.39 0.64 -7.34
CA ARG A 5 21.40 0.65 -7.33
C ARG A 5 22.50 1.56 -7.84
C ARG A 5 22.50 1.56 -7.84
N GLU A 6 22.12 2.62 -8.53
CA GLU A 6 23.05 3.63 -9.02
C GLU A 6 23.22 4.75 -7.99
N SER A 7 24.40 5.37 -8.02
CA SER A 7 24.67 6.51 -7.16
C SER A 7 25.74 7.40 -7.80
N GLY A 8 25.58 8.70 -7.62
CA GLY A 8 26.47 9.67 -8.20
C GLY A 8 25.95 11.06 -7.93
N PRO A 9 26.69 12.08 -8.34
CA PRO A 9 26.25 13.46 -8.07
C PRO A 9 24.95 13.76 -8.79
N ALA A 10 24.14 14.62 -8.17
CA ALA A 10 22.99 15.16 -8.85
C ALA A 10 23.37 16.31 -9.77
N LEU A 11 24.53 16.93 -9.56
CA LEU A 11 24.94 18.10 -10.30
C LEU A 11 26.44 18.06 -10.59
N VAL A 12 26.83 18.26 -11.86
CA VAL A 12 28.22 18.45 -12.23
C VAL A 12 28.30 19.64 -13.17
N LYS A 13 29.44 20.29 -13.16
CA LYS A 13 29.67 21.50 -13.94
C LYS A 13 30.15 21.13 -15.33
N PRO A 14 29.93 22.01 -16.31
CA PRO A 14 30.43 21.73 -17.66
C PRO A 14 31.93 21.51 -17.65
N THR A 15 32.35 20.51 -18.42
CA THR A 15 33.72 20.03 -18.63
C THR A 15 34.23 19.14 -17.49
N GLN A 16 33.50 19.02 -16.37
CA GLN A 16 33.92 18.11 -15.32
C GLN A 16 33.62 16.67 -15.70
N THR A 17 34.07 15.74 -14.87
CA THR A 17 33.90 14.31 -15.10
C THR A 17 32.88 13.72 -14.13
N LEU A 18 31.91 12.99 -14.67
CA LEU A 18 30.90 12.29 -13.89
C LEU A 18 31.40 10.90 -13.50
N THR A 19 31.26 10.55 -12.23
CA THR A 19 31.56 9.21 -11.75
C THR A 19 30.26 8.59 -11.22
N LEU A 20 29.77 7.57 -11.91
CA LEU A 20 28.58 6.83 -11.52
C LEU A 20 29.00 5.48 -10.97
N THR A 21 28.33 5.05 -9.90
CA THR A 21 28.62 3.78 -9.27
C THR A 21 27.36 2.93 -9.23
N CYS A 22 27.49 1.69 -9.68
CA CYS A 22 26.44 0.69 -9.63
C CYS A 22 26.81 -0.33 -8.56
N THR A 23 25.90 -0.56 -7.63
CA THR A 23 26.05 -1.56 -6.58
C THR A 23 24.98 -2.60 -6.77
N PHE A 24 25.34 -3.87 -6.82
CA PHE A 24 24.36 -4.90 -7.11
C PHE A 24 24.41 -6.01 -6.08
N SER A 25 23.32 -6.78 -6.02
CA SER A 25 23.28 -7.97 -5.19
C SER A 25 22.31 -8.98 -5.79
N GLY A 26 22.49 -10.23 -5.39
CA GLY A 26 21.79 -11.34 -5.97
C GLY A 26 22.58 -12.08 -7.04
N PHE A 27 23.61 -11.46 -7.59
CA PHE A 27 24.52 -12.10 -8.54
C PHE A 27 25.92 -11.59 -8.29
N SER A 28 26.88 -12.14 -9.04
CA SER A 28 28.29 -11.83 -8.89
C SER A 28 28.91 -11.63 -10.26
N LEU A 29 29.74 -10.59 -10.39
CA LEU A 29 30.50 -10.41 -11.62
C LEU A 29 31.73 -11.33 -11.66
N SER A 30 31.92 -12.17 -10.64
CA SER A 30 32.81 -13.31 -10.77
C SER A 30 32.13 -14.51 -11.42
N THR A 31 30.81 -14.49 -11.58
CA THR A 31 30.09 -15.61 -12.15
C THR A 31 30.26 -15.59 -13.67
N SER A 32 30.77 -16.68 -14.23
CA SER A 32 31.01 -16.75 -15.66
C SER A 32 29.74 -16.44 -16.44
N GLY A 33 29.87 -15.58 -17.45
CA GLY A 33 28.74 -15.19 -18.28
C GLY A 33 28.04 -13.92 -17.85
N MET A 34 28.35 -13.38 -16.67
CA MET A 34 27.61 -12.26 -16.12
C MET A 34 28.14 -10.94 -16.69
N SER A 35 27.27 -9.94 -16.73
CA SER A 35 27.62 -8.64 -17.30
C SER A 35 26.80 -7.55 -16.65
N VAL A 36 27.37 -6.35 -16.62
CA VAL A 36 26.66 -5.16 -16.18
C VAL A 36 26.81 -4.10 -17.26
N GLY A 37 25.74 -3.35 -17.52
CA GLY A 37 25.76 -2.31 -18.54
C GLY A 37 25.12 -1.03 -18.04
N TRP A 38 25.41 0.03 -18.76
CA TRP A 38 24.90 1.36 -18.47
C TRP A 38 24.13 1.91 -19.67
N ILE A 39 22.98 2.51 -19.36
CA ILE A 39 22.03 3.10 -20.31
C ILE A 39 21.61 4.46 -19.76
N ARG A 40 21.38 5.44 -20.62
CA ARG A 40 20.91 6.72 -20.13
C ARG A 40 19.66 7.16 -20.89
N GLN A 41 18.96 8.12 -20.30
CA GLN A 41 17.77 8.68 -20.91
C GLN A 41 17.70 10.18 -20.62
N PRO A 42 17.94 11.03 -21.62
CA PRO A 42 17.79 12.47 -21.43
C PRO A 42 16.32 12.81 -21.26
N PRO A 43 16.00 13.97 -20.68
CA PRO A 43 14.60 14.34 -20.50
C PRO A 43 13.83 14.29 -21.81
N GLY A 44 12.78 13.46 -21.85
CA GLY A 44 11.90 13.38 -22.99
C GLY A 44 12.49 12.76 -24.24
N LYS A 45 13.50 11.91 -24.10
CA LYS A 45 14.15 11.29 -25.25
C LYS A 45 14.26 9.80 -25.02
N ALA A 46 14.79 9.10 -26.01
CA ALA A 46 14.84 7.65 -25.99
C ALA A 46 16.00 7.15 -25.12
N LEU A 47 15.95 5.86 -24.80
CA LEU A 47 17.05 5.21 -24.10
C LEU A 47 18.26 5.08 -25.03
N GLU A 48 19.45 5.20 -24.45
CA GLU A 48 20.69 5.16 -25.21
C GLU A 48 21.67 4.30 -24.43
N TRP A 49 22.14 3.22 -25.05
CA TRP A 49 23.08 2.35 -24.38
C TRP A 49 24.45 3.03 -24.33
N LEU A 50 25.07 3.02 -23.17
CA LEU A 50 26.36 3.68 -22.96
C LEU A 50 27.52 2.70 -22.95
N ALA A 51 27.45 1.67 -22.12
CA ALA A 51 28.64 0.83 -21.96
C ALA A 51 28.26 -0.50 -21.35
N ASP A 52 29.23 -1.40 -21.30
CA ASP A 52 29.07 -2.62 -20.51
C ASP A 52 30.44 -3.20 -20.17
N ILE A 53 30.41 -4.12 -19.21
CA ILE A 53 31.59 -4.85 -18.76
C ILE A 53 31.13 -6.27 -18.41
N TRP A 54 32.01 -7.23 -18.64
CA TRP A 54 31.71 -8.65 -18.47
C TRP A 54 32.62 -9.25 -17.40
N TRP A 55 32.30 -10.49 -17.00
CA TRP A 55 33.07 -11.16 -15.97
C TRP A 55 34.52 -11.40 -16.40
N ASP A 56 34.80 -11.46 -17.70
CA ASP A 56 36.17 -11.64 -18.18
C ASP A 56 36.87 -10.32 -18.44
N ASP A 57 36.35 -9.22 -17.89
CA ASP A 57 36.93 -7.89 -17.93
C ASP A 57 36.93 -7.26 -19.32
N LYS A 58 36.22 -7.86 -20.27
CA LYS A 58 36.00 -7.22 -21.56
C LYS A 58 34.95 -6.12 -21.40
N LYS A 59 35.16 -5.02 -22.12
CA LYS A 59 34.36 -3.82 -22.00
C LYS A 59 33.88 -3.41 -23.39
N ASP A 60 32.77 -2.70 -23.44
CA ASP A 60 32.30 -2.18 -24.73
C ASP A 60 31.67 -0.81 -24.51
N TYR A 61 31.84 0.06 -25.51
CA TYR A 61 31.43 1.45 -25.42
C TYR A 61 30.67 1.88 -26.67
N ASN A 62 29.72 2.79 -26.48
CA ASN A 62 28.97 3.35 -27.58
C ASN A 62 29.85 4.37 -28.30
N PRO A 63 30.11 4.21 -29.61
CA PRO A 63 30.99 5.17 -30.29
C PRO A 63 30.47 6.59 -30.27
N SER A 64 29.17 6.80 -30.09
CA SER A 64 28.59 8.14 -30.11
C SER A 64 29.10 9.01 -28.97
N LEU A 65 29.84 8.45 -28.02
CA LEU A 65 30.37 9.28 -26.95
C LEU A 65 31.65 8.68 -26.36
N LYS A 66 32.31 7.78 -27.08
CA LYS A 66 33.52 7.17 -26.61
C LYS A 66 34.66 8.20 -26.69
N SER A 67 35.73 7.91 -25.96
CA SER A 67 36.90 8.76 -25.67
C SER A 67 36.56 9.44 -24.36
N ARG A 68 35.28 9.43 -23.99
CA ARG A 68 34.80 10.05 -22.77
C ARG A 68 34.30 9.04 -21.75
N LEU A 69 34.35 7.75 -22.04
CA LEU A 69 33.76 6.72 -21.17
C LEU A 69 34.84 5.77 -20.68
N THR A 70 34.74 5.40 -19.41
CA THR A 70 35.60 4.37 -18.83
C THR A 70 34.77 3.54 -17.86
N ILE A 71 34.67 2.25 -18.12
CA ILE A 71 33.94 1.34 -17.25
C ILE A 71 34.96 0.46 -16.54
N SER A 72 34.69 0.18 -15.28
CA SER A 72 35.56 -0.68 -14.49
C SER A 72 34.72 -1.42 -13.47
N LYS A 73 35.28 -2.49 -12.91
CA LYS A 73 34.55 -3.28 -11.93
C LYS A 73 35.43 -3.58 -10.72
N ASP A 74 34.76 -3.77 -9.59
CA ASP A 74 35.37 -4.26 -8.35
C ASP A 74 34.46 -5.38 -7.88
N THR A 75 34.84 -6.61 -8.23
CA THR A 75 34.00 -7.77 -7.95
C THR A 75 33.97 -8.12 -6.47
N SER A 76 35.05 -7.82 -5.72
CA SER A 76 35.01 -8.03 -4.27
C SER A 76 33.99 -7.12 -3.59
N ALA A 77 33.74 -5.94 -4.16
CA ALA A 77 32.79 -5.00 -3.58
C ALA A 77 31.46 -4.99 -4.31
N ASN A 78 31.30 -5.82 -5.33
CA ASN A 78 30.07 -5.91 -6.13
C ASN A 78 29.72 -4.56 -6.75
N GLN A 79 30.71 -3.87 -7.31
CA GLN A 79 30.47 -2.54 -7.84
C GLN A 79 31.03 -2.39 -9.24
N VAL A 80 30.35 -1.59 -10.04
CA VAL A 80 30.81 -1.19 -11.36
C VAL A 80 30.81 0.33 -11.40
N VAL A 81 31.84 0.91 -12.01
CA VAL A 81 31.98 2.36 -12.09
C VAL A 81 32.00 2.77 -13.54
N LEU A 82 31.24 3.81 -13.87
CA LEU A 82 31.30 4.47 -15.17
C LEU A 82 31.81 5.89 -14.96
N LYS A 83 32.80 6.30 -15.74
CA LYS A 83 33.29 7.66 -15.75
C LYS A 83 33.03 8.28 -17.12
N VAL A 84 32.44 9.47 -17.13
CA VAL A 84 32.14 10.22 -18.34
C VAL A 84 32.88 11.55 -18.28
N THR A 85 33.82 11.77 -19.18
CA THR A 85 34.61 12.99 -19.09
C THR A 85 33.97 14.12 -19.88
N ASN A 86 34.44 15.34 -19.59
CA ASN A 86 34.06 16.54 -20.33
C ASN A 86 32.54 16.62 -20.50
N MET A 87 31.87 16.79 -19.37
CA MET A 87 30.41 16.73 -19.34
C MET A 87 29.81 17.98 -19.97
N ASP A 88 28.72 17.78 -20.71
CA ASP A 88 28.03 18.84 -21.43
C ASP A 88 26.57 18.89 -21.00
N PRO A 89 25.92 20.06 -21.06
CA PRO A 89 24.47 20.10 -20.72
C PRO A 89 23.64 19.08 -21.48
N ALA A 90 24.03 18.71 -22.69
CA ALA A 90 23.37 17.66 -23.46
C ALA A 90 23.49 16.28 -22.82
N ASP A 91 24.36 16.11 -21.81
CA ASP A 91 24.48 14.86 -21.07
C ASP A 91 23.54 14.80 -19.88
N THR A 92 22.78 15.86 -19.63
CA THR A 92 21.78 15.84 -18.57
C THR A 92 20.80 14.71 -18.83
N ALA A 93 20.70 13.79 -17.89
CA ALA A 93 19.92 12.57 -18.14
C ALA A 93 19.76 11.78 -16.85
N THR A 94 18.94 10.75 -16.93
CA THR A 94 18.86 9.73 -15.90
C THR A 94 19.67 8.53 -16.35
N TYR A 95 20.59 8.08 -15.51
CA TYR A 95 21.51 6.99 -15.81
C TYR A 95 21.09 5.74 -15.05
N TYR A 96 21.02 4.61 -15.77
CA TYR A 96 20.66 3.32 -15.23
C TYR A 96 21.81 2.35 -15.43
N CYS A 97 21.99 1.44 -14.47
CA CYS A 97 22.75 0.22 -14.69
C CYS A 97 21.80 -0.96 -14.68
N ALA A 98 22.20 -2.01 -15.39
CA ALA A 98 21.34 -3.17 -15.61
C ALA A 98 22.21 -4.40 -15.81
N ARG A 99 21.64 -5.56 -15.50
CA ARG A 99 22.34 -6.84 -15.57
C ARG A 99 22.03 -7.53 -16.89
N SER A 100 23.04 -8.19 -17.46
CA SER A 100 22.85 -9.07 -18.60
C SER A 100 23.74 -10.30 -18.45
N MET A 101 23.66 -11.20 -19.44
CA MET A 101 24.15 -12.57 -19.33
C MET A 101 24.53 -13.07 -20.71
N ILE A 102 25.56 -13.92 -20.77
CA ILE A 102 26.02 -14.43 -22.07
C ILE A 102 24.94 -15.28 -22.74
N THR A 103 24.03 -15.86 -21.96
CA THR A 103 22.93 -16.61 -22.54
C THR A 103 21.79 -15.70 -22.97
N ASN A 104 21.86 -14.40 -22.65
CA ASN A 104 20.76 -13.46 -22.84
C ASN A 104 21.06 -12.37 -23.85
N TRP A 105 22.06 -11.53 -23.59
CA TRP A 105 22.35 -10.35 -24.41
C TRP A 105 21.15 -9.40 -24.47
N TYR A 106 20.48 -9.23 -23.34
CA TYR A 106 19.52 -8.17 -23.09
C TYR A 106 19.52 -7.89 -21.60
N PHE A 107 19.04 -6.71 -21.21
CA PHE A 107 19.06 -6.30 -19.81
C PHE A 107 17.72 -6.68 -19.16
N ASP A 108 17.76 -7.65 -18.23
CA ASP A 108 16.54 -8.17 -17.64
C ASP A 108 16.18 -7.49 -16.33
N VAL A 109 17.16 -7.02 -15.56
CA VAL A 109 16.90 -6.30 -14.32
C VAL A 109 17.66 -4.99 -14.35
N TRP A 110 16.99 -3.91 -13.97
CA TRP A 110 17.55 -2.56 -13.99
C TRP A 110 17.52 -1.97 -12.59
N GLY A 111 18.42 -1.03 -12.33
CA GLY A 111 18.33 -0.22 -11.14
C GLY A 111 17.24 0.83 -11.26
N ALA A 112 16.98 1.52 -10.14
CA ALA A 112 16.00 2.60 -10.16
C ALA A 112 16.45 3.76 -11.03
N GLY A 113 17.74 3.91 -11.27
CA GLY A 113 18.18 5.06 -12.03
C GLY A 113 18.44 6.26 -11.15
N THR A 114 19.40 7.09 -11.58
CA THR A 114 19.76 8.28 -10.84
C THR A 114 19.90 9.46 -11.80
N THR A 115 19.48 10.64 -11.36
CA THR A 115 19.34 11.80 -12.24
C THR A 115 20.58 12.68 -12.11
N VAL A 116 21.15 13.09 -13.26
CA VAL A 116 22.35 13.91 -13.30
C VAL A 116 22.09 15.13 -14.18
N THR A 117 22.38 16.32 -13.64
CA THR A 117 22.23 17.58 -14.35
C THR A 117 23.59 18.23 -14.52
N VAL A 118 23.89 18.66 -15.75
CA VAL A 118 25.10 19.41 -16.05
C VAL A 118 24.73 20.88 -16.12
N SER A 119 25.30 21.69 -15.22
CA SER A 119 24.98 23.10 -15.19
C SER A 119 26.04 23.87 -14.42
N SER A 120 26.31 25.09 -14.86
CA SER A 120 27.16 26.00 -14.10
C SER A 120 26.47 26.52 -12.86
N ALA A 121 25.14 26.42 -12.78
CA ALA A 121 24.42 26.97 -11.64
C ALA A 121 24.64 26.11 -10.40
N SER A 122 24.38 26.71 -9.24
CA SER A 122 24.63 26.04 -7.98
C SER A 122 23.34 25.47 -7.41
N THR A 123 23.48 24.46 -6.57
CA THR A 123 22.34 23.80 -5.95
C THR A 123 21.63 24.76 -5.00
N LYS A 124 20.30 24.70 -5.02
CA LYS A 124 19.45 25.51 -4.16
C LYS A 124 18.29 24.66 -3.66
N GLY A 125 18.11 24.64 -2.33
CA GLY A 125 17.00 23.93 -1.72
C GLY A 125 15.67 24.65 -1.87
N PRO A 126 14.58 23.90 -1.74
CA PRO A 126 13.25 24.47 -1.99
C PRO A 126 12.66 25.17 -0.78
N SER A 127 11.67 26.01 -1.06
CA SER A 127 10.77 26.53 -0.04
C SER A 127 9.46 25.76 -0.13
N VAL A 128 8.92 25.37 1.02
CA VAL A 128 7.67 24.61 1.05
C VAL A 128 6.59 25.50 1.65
N PHE A 129 5.51 25.67 0.89
CA PHE A 129 4.38 26.45 1.36
C PHE A 129 3.11 25.60 1.40
N PRO A 130 2.25 25.80 2.37
CA PRO A 130 0.99 25.06 2.41
C PRO A 130 0.02 25.55 1.34
N LEU A 131 -0.67 24.60 0.73
CA LEU A 131 -1.86 24.83 -0.08
C LEU A 131 -3.01 24.40 0.82
N ALA A 132 -3.60 25.36 1.52
CA ALA A 132 -4.52 25.10 2.61
C ALA A 132 -5.91 24.73 2.07
N PRO A 133 -6.55 23.72 2.65
CA PRO A 133 -7.92 23.39 2.25
C PRO A 133 -8.91 24.40 2.79
N SER A 134 -10.02 24.55 2.07
CA SER A 134 -11.07 25.51 2.40
C SER A 134 -12.32 25.13 1.62
N SER A 135 -13.35 25.98 1.72
CA SER A 135 -14.58 25.75 0.96
C SER A 135 -14.36 25.78 -0.55
N LYS A 136 -13.31 26.44 -1.03
CA LYS A 136 -13.03 26.50 -2.46
C LYS A 136 -12.23 25.31 -2.96
N SER A 137 -11.81 24.40 -2.08
CA SER A 137 -11.13 23.18 -2.50
C SER A 137 -11.93 21.92 -2.13
N THR A 138 -13.22 22.05 -1.91
CA THR A 138 -14.07 20.91 -1.59
C THR A 138 -14.91 20.49 -2.78
N SER A 139 -15.27 19.20 -2.79
CA SER A 139 -16.06 18.61 -3.88
C SER A 139 -16.75 17.39 -3.29
N GLY A 140 -18.03 17.54 -2.95
CA GLY A 140 -18.74 16.46 -2.26
C GLY A 140 -18.20 16.26 -0.87
N GLY A 141 -17.97 15.01 -0.49
CA GLY A 141 -17.40 14.69 0.80
C GLY A 141 -15.89 14.75 0.81
N THR A 142 -15.32 15.55 -0.10
CA THR A 142 -13.89 15.55 -0.35
C THR A 142 -13.37 16.99 -0.29
N ALA A 143 -12.12 17.12 0.16
CA ALA A 143 -11.42 18.39 0.16
C ALA A 143 -9.99 18.15 -0.28
N ALA A 144 -9.46 19.04 -1.11
CA ALA A 144 -8.08 18.94 -1.56
C ALA A 144 -7.19 19.87 -0.74
N LEU A 145 -5.95 19.42 -0.53
CA LEU A 145 -4.94 20.20 0.17
C LEU A 145 -3.60 19.84 -0.44
N GLY A 146 -2.55 20.59 -0.10
CA GLY A 146 -1.29 20.27 -0.72
C GLY A 146 -0.14 21.09 -0.20
N CYS A 147 0.99 20.96 -0.91
CA CYS A 147 2.23 21.67 -0.64
C CYS A 147 2.82 22.16 -1.95
N LEU A 148 3.22 23.42 -1.98
CA LEU A 148 3.95 24.00 -3.09
C LEU A 148 5.44 23.97 -2.75
N VAL A 149 6.21 23.23 -3.56
CA VAL A 149 7.64 23.06 -3.38
C VAL A 149 8.31 23.93 -4.44
N LYS A 150 8.79 25.10 -4.04
CA LYS A 150 9.14 26.16 -4.97
C LYS A 150 10.64 26.47 -4.95
N ASP A 151 11.17 26.82 -6.12
CA ASP A 151 12.50 27.44 -6.27
C ASP A 151 13.61 26.52 -5.74
N TYR A 152 13.81 25.40 -6.44
CA TYR A 152 14.90 24.48 -6.11
C TYR A 152 15.65 24.09 -7.38
N PHE A 153 16.88 23.58 -7.18
CA PHE A 153 17.72 23.19 -8.31
C PHE A 153 18.89 22.34 -7.82
N PRO A 154 19.20 21.22 -8.49
CA PRO A 154 18.51 20.64 -9.66
C PRO A 154 17.43 19.64 -9.26
N GLU A 155 16.95 18.87 -10.23
CA GLU A 155 16.09 17.73 -9.94
C GLU A 155 16.94 16.62 -9.31
N PRO A 156 16.31 15.70 -8.55
CA PRO A 156 14.89 15.63 -8.20
C PRO A 156 14.60 16.04 -6.77
N VAL A 157 13.31 16.00 -6.45
CA VAL A 157 12.81 16.25 -5.11
C VAL A 157 11.76 15.18 -4.85
N THR A 158 11.60 14.79 -3.59
CA THR A 158 10.61 13.78 -3.23
C THR A 158 9.66 14.32 -2.17
N VAL A 159 8.39 13.95 -2.30
CA VAL A 159 7.33 14.39 -1.40
C VAL A 159 6.57 13.17 -0.88
N SER A 160 6.44 13.07 0.44
CA SER A 160 5.54 12.12 1.09
C SER A 160 4.55 12.89 1.95
N TRP A 161 3.53 12.20 2.47
CA TRP A 161 2.52 12.81 3.33
C TRP A 161 2.37 12.01 4.60
N ASN A 162 2.42 12.70 5.75
CA ASN A 162 2.30 12.07 7.06
C ASN A 162 3.31 10.94 7.22
N SER A 163 4.55 11.22 6.82
CA SER A 163 5.66 10.27 6.88
C SER A 163 5.33 8.97 6.15
N GLY A 164 4.56 9.08 5.05
CA GLY A 164 4.22 7.93 4.24
C GLY A 164 2.93 7.23 4.63
N ALA A 165 2.32 7.61 5.76
CA ALA A 165 1.07 7.00 6.19
C ALA A 165 -0.10 7.35 5.27
N LEU A 166 -0.02 8.47 4.55
CA LEU A 166 -1.08 8.89 3.63
C LEU A 166 -0.55 8.75 2.20
N THR A 167 -1.07 7.77 1.47
CA THR A 167 -0.64 7.49 0.11
C THR A 167 -1.76 7.60 -0.92
N SER A 168 -2.97 7.17 -0.58
CA SER A 168 -4.07 7.20 -1.55
C SER A 168 -4.55 8.62 -1.77
N GLY A 169 -4.76 8.97 -3.04
CA GLY A 169 -5.28 10.27 -3.39
C GLY A 169 -4.24 11.34 -3.66
N VAL A 170 -2.95 10.98 -3.70
CA VAL A 170 -1.87 11.95 -3.83
C VAL A 170 -1.47 12.06 -5.30
N HIS A 171 -1.50 13.28 -5.82
CA HIS A 171 -0.93 13.62 -7.13
C HIS A 171 0.22 14.58 -6.90
N THR A 172 1.44 14.14 -7.17
CA THR A 172 2.62 15.00 -7.13
C THR A 172 2.98 15.37 -8.56
N PHE A 173 2.83 16.65 -8.91
CA PHE A 173 2.93 17.10 -10.29
C PHE A 173 4.39 17.14 -10.73
N PRO A 174 4.66 16.82 -12.00
CA PRO A 174 6.02 16.99 -12.53
C PRO A 174 6.46 18.44 -12.43
N ALA A 175 7.72 18.63 -12.06
CA ALA A 175 8.25 19.97 -11.88
C ALA A 175 8.21 20.75 -13.18
N VAL A 176 8.06 22.06 -13.04
CA VAL A 176 8.14 22.97 -14.16
C VAL A 176 9.40 23.81 -13.98
N LEU A 177 10.10 24.06 -15.07
CA LEU A 177 11.26 24.94 -15.01
C LEU A 177 10.76 26.37 -15.12
N GLN A 178 11.12 27.21 -14.15
CA GLN A 178 10.66 28.58 -14.13
C GLN A 178 11.65 29.45 -14.89
N SER A 179 11.19 30.65 -15.25
CA SER A 179 12.05 31.56 -16.00
C SER A 179 13.30 31.94 -15.21
N SER A 180 13.27 31.76 -13.88
CA SER A 180 14.44 31.98 -13.04
C SER A 180 15.47 30.87 -13.15
N GLY A 181 15.16 29.76 -13.84
CA GLY A 181 16.06 28.63 -13.89
C GLY A 181 15.92 27.66 -12.74
N LEU A 182 15.03 27.93 -11.80
CA LEU A 182 14.74 27.05 -10.68
C LEU A 182 13.45 26.30 -10.92
N TYR A 183 13.37 25.10 -10.35
CA TYR A 183 12.21 24.23 -10.51
C TYR A 183 11.16 24.52 -9.45
N SER A 184 9.95 24.05 -9.73
CA SER A 184 8.81 24.23 -8.84
C SER A 184 7.78 23.16 -9.14
N LEU A 185 7.19 22.60 -8.09
CA LEU A 185 6.12 21.63 -8.25
C LEU A 185 5.12 21.81 -7.12
N SER A 186 4.05 21.03 -7.18
CA SER A 186 3.09 20.95 -6.10
C SER A 186 2.72 19.50 -5.89
N SER A 187 2.40 19.16 -4.64
CA SER A 187 1.84 17.85 -4.32
C SER A 187 0.50 18.08 -3.65
N VAL A 188 -0.54 17.47 -4.21
CA VAL A 188 -1.88 17.66 -3.71
C VAL A 188 -2.42 16.29 -3.32
N VAL A 189 -3.39 16.31 -2.41
CA VAL A 189 -4.07 15.12 -1.93
C VAL A 189 -5.50 15.51 -1.61
N THR A 190 -6.43 14.64 -1.98
CA THR A 190 -7.82 14.80 -1.57
C THR A 190 -8.08 13.89 -0.38
N VAL A 191 -8.85 14.39 0.58
CA VAL A 191 -9.15 13.68 1.82
C VAL A 191 -10.63 13.87 2.14
N PRO A 192 -11.19 13.02 2.99
CA PRO A 192 -12.57 13.25 3.44
C PRO A 192 -12.70 14.62 4.09
N SER A 193 -13.74 15.36 3.67
CA SER A 193 -14.01 16.67 4.24
C SER A 193 -14.07 16.62 5.76
N SER A 194 -14.74 15.60 6.30
CA SER A 194 -14.95 15.48 7.74
C SER A 194 -13.65 15.32 8.51
N SER A 195 -12.55 14.95 7.87
CA SER A 195 -11.29 14.70 8.57
C SER A 195 -10.42 15.93 8.73
N LEU A 196 -10.84 17.10 8.23
CA LEU A 196 -9.94 18.25 8.24
C LEU A 196 -9.74 18.80 9.65
N GLY A 197 -10.78 18.81 10.46
CA GLY A 197 -10.64 19.29 11.81
C GLY A 197 -10.09 18.29 12.79
N THR A 198 -9.82 17.07 12.32
CA THR A 198 -9.30 16.01 13.17
C THR A 198 -7.92 15.52 12.78
N GLN A 199 -7.72 15.17 11.52
CA GLN A 199 -6.47 14.56 11.06
C GLN A 199 -5.46 15.63 10.66
N THR A 200 -4.25 15.53 11.19
CA THR A 200 -3.18 16.45 10.84
C THR A 200 -2.52 16.02 9.53
N TYR A 201 -2.28 16.98 8.65
CA TYR A 201 -1.67 16.72 7.34
C TYR A 201 -0.36 17.47 7.23
N ILE A 202 0.72 16.72 7.06
CA ILE A 202 2.07 17.23 6.99
C ILE A 202 2.71 16.66 5.73
N CYS A 203 3.30 17.51 4.91
CA CYS A 203 4.06 17.04 3.76
C CYS A 203 5.54 17.02 4.12
N ASN A 204 6.21 15.94 3.69
CA ASN A 204 7.63 15.72 3.97
C ASN A 204 8.37 15.81 2.65
N VAL A 205 9.12 16.88 2.48
CA VAL A 205 9.84 17.15 1.24
C VAL A 205 11.33 16.91 1.49
N ASN A 206 11.96 16.18 0.57
CA ASN A 206 13.36 15.83 0.65
C ASN A 206 14.04 16.25 -0.65
N HIS A 207 15.09 17.05 -0.53
CA HIS A 207 15.90 17.50 -1.67
C HIS A 207 17.33 17.05 -1.36
N LYS A 208 17.66 15.83 -1.79
CA LYS A 208 19.00 15.29 -1.57
C LYS A 208 20.11 16.09 -2.23
N PRO A 209 19.94 16.67 -3.43
CA PRO A 209 21.02 17.50 -3.99
C PRO A 209 21.47 18.64 -3.08
N SER A 210 20.63 19.09 -2.15
CA SER A 210 21.01 20.18 -1.26
C SER A 210 21.01 19.80 0.22
N ASN A 211 20.89 18.50 0.54
CA ASN A 211 20.81 18.06 1.94
C ASN A 211 19.65 18.73 2.67
N THR A 212 18.54 18.95 1.97
CA THR A 212 17.39 19.66 2.54
C THR A 212 16.28 18.69 2.93
N LYS A 213 15.81 18.81 4.16
CA LYS A 213 14.63 18.10 4.65
C LYS A 213 13.68 19.12 5.26
N VAL A 214 12.43 19.14 4.78
CA VAL A 214 11.42 20.07 5.29
C VAL A 214 10.12 19.31 5.56
N ASP A 215 9.48 19.61 6.69
CA ASP A 215 8.14 19.13 7.01
C ASP A 215 7.21 20.33 7.16
N LYS A 216 6.16 20.39 6.36
CA LYS A 216 5.20 21.49 6.43
C LYS A 216 3.82 20.98 6.83
N ARG A 217 3.27 21.56 7.89
CA ARG A 217 1.90 21.28 8.31
C ARG A 217 0.93 22.10 7.47
N VAL A 218 -0.13 21.47 6.99
CA VAL A 218 -1.10 22.11 6.11
C VAL A 218 -2.40 22.19 6.90
N GLU A 219 -2.73 23.38 7.38
CA GLU A 219 -3.91 23.57 8.20
C GLU A 219 -4.99 24.31 7.41
N PRO A 220 -6.27 24.03 7.68
CA PRO A 220 -7.40 24.75 7.10
C PRO A 220 -7.36 26.26 7.35
N PCA B 1 -16.29 9.67 6.01
CA PCA B 1 -17.00 9.40 7.26
CB PCA B 1 -16.64 8.03 7.81
CG PCA B 1 -15.88 7.31 6.71
CD PCA B 1 -15.62 8.40 5.71
OE PCA B 1 -14.91 8.21 4.72
C PCA B 1 -16.70 10.47 8.31
O PCA B 1 -15.60 11.05 8.27
N VAL B 2 -17.62 10.75 9.24
CA VAL B 2 -17.36 11.71 10.32
C VAL B 2 -16.16 11.21 11.11
N THR B 3 -15.50 12.11 11.85
CA THR B 3 -14.27 11.73 12.52
C THR B 3 -14.20 12.30 13.93
N LEU B 4 -13.59 11.52 14.83
CA LEU B 4 -13.35 11.90 16.21
C LEU B 4 -11.91 11.57 16.56
N ARG B 5 -11.34 12.33 17.48
CA ARG B 5 -9.97 12.13 17.91
C ARG B 5 -9.85 12.49 19.38
N GLU B 6 -9.39 11.53 20.19
CA GLU B 6 -9.12 11.73 21.60
C GLU B 6 -7.71 12.28 21.77
N SER B 7 -7.50 13.03 22.85
CA SER B 7 -6.18 13.54 23.21
C SER B 7 -6.14 13.77 24.71
N GLY B 8 -4.98 13.51 25.30
CA GLY B 8 -4.79 13.62 26.72
C GLY B 8 -3.44 13.06 27.10
N PRO B 9 -3.09 13.12 28.38
CA PRO B 9 -1.79 12.58 28.79
C PRO B 9 -1.72 11.08 28.57
N ALA B 10 -0.52 10.61 28.23
CA ALA B 10 -0.27 9.18 28.21
C ALA B 10 0.00 8.63 29.59
N LEU B 11 0.39 9.48 30.52
CA LEU B 11 0.82 9.08 31.86
C LEU B 11 0.24 10.06 32.86
N VAL B 12 -0.41 9.52 33.89
CA VAL B 12 -0.91 10.32 34.99
C VAL B 12 -0.58 9.58 36.29
N LYS B 13 -0.34 10.35 37.37
CA LYS B 13 0.06 9.72 38.62
C LYS B 13 -1.16 9.35 39.45
N PRO B 14 -1.02 8.39 40.38
CA PRO B 14 -2.14 8.03 41.25
C PRO B 14 -2.64 9.25 42.02
N THR B 15 -3.97 9.38 42.08
CA THR B 15 -4.76 10.41 42.72
C THR B 15 -4.88 11.71 41.91
N GLN B 16 -4.14 11.86 40.81
CA GLN B 16 -4.30 13.04 39.96
C GLN B 16 -5.57 12.93 39.13
N THR B 17 -5.89 14.00 38.41
CA THR B 17 -7.08 14.08 37.59
C THR B 17 -6.70 13.99 36.12
N LEU B 18 -7.36 13.09 35.40
CA LEU B 18 -7.19 12.93 33.95
C LEU B 18 -8.16 13.84 33.22
N THR B 19 -7.65 14.60 32.25
CA THR B 19 -8.49 15.41 31.37
C THR B 19 -8.33 14.90 29.95
N LEU B 20 -9.41 14.35 29.41
CA LEU B 20 -9.48 13.85 28.05
C LEU B 20 -10.27 14.84 27.20
N THR B 21 -9.80 15.08 25.99
CA THR B 21 -10.45 15.98 25.04
C THR B 21 -10.77 15.20 23.78
N CYS B 22 -12.02 15.30 23.35
CA CYS B 22 -12.52 14.73 22.11
C CYS B 22 -12.74 15.87 21.15
N THR B 23 -12.13 15.78 19.97
CA THR B 23 -12.33 16.74 18.91
C THR B 23 -12.95 16.02 17.73
N PHE B 24 -14.06 16.55 17.21
CA PHE B 24 -14.78 15.87 16.15
C PHE B 24 -15.04 16.83 15.00
N SER B 25 -15.32 16.25 13.84
CA SER B 25 -15.73 17.02 12.68
C SER B 25 -16.58 16.14 11.78
N GLY B 26 -17.36 16.80 10.93
CA GLY B 26 -18.36 16.16 10.12
C GLY B 26 -19.75 16.23 10.72
N PHE B 27 -19.86 16.51 12.01
CA PHE B 27 -21.13 16.72 12.66
C PHE B 27 -20.95 17.79 13.72
N SER B 28 -22.07 18.21 14.32
CA SER B 28 -22.05 19.30 15.28
C SER B 28 -22.92 18.94 16.47
N LEU B 29 -22.45 19.27 17.67
CA LEU B 29 -23.26 19.15 18.87
C LEU B 29 -24.25 20.29 19.02
N SER B 30 -24.30 21.22 18.06
CA SER B 30 -25.44 22.11 17.92
C SER B 30 -26.58 21.47 17.14
N THR B 31 -26.35 20.34 16.47
CA THR B 31 -27.38 19.71 15.67
C THR B 31 -28.30 18.89 16.58
N SER B 32 -29.59 19.19 16.51
CA SER B 32 -30.56 18.53 17.38
C SER B 32 -30.48 17.02 17.20
N GLY B 33 -30.46 16.30 18.33
CA GLY B 33 -30.37 14.86 18.35
C GLY B 33 -28.96 14.30 18.49
N MET B 34 -27.94 15.13 18.36
CA MET B 34 -26.56 14.63 18.33
C MET B 34 -26.02 14.39 19.73
N SER B 35 -25.05 13.49 19.85
CA SER B 35 -24.50 13.13 21.14
C SER B 35 -23.06 12.65 20.99
N VAL B 36 -22.28 12.81 22.05
CA VAL B 36 -20.93 12.25 22.14
C VAL B 36 -20.82 11.44 23.42
N GLY B 37 -20.16 10.29 23.35
CA GLY B 37 -19.99 9.43 24.51
C GLY B 37 -18.55 8.99 24.65
N TRP B 38 -18.24 8.50 25.85
CA TRP B 38 -16.91 8.01 26.20
C TRP B 38 -16.98 6.56 26.64
N ILE B 39 -16.01 5.78 26.19
CA ILE B 39 -15.90 4.36 26.50
C ILE B 39 -14.45 4.07 26.81
N ARG B 40 -14.19 3.16 27.74
CA ARG B 40 -12.80 2.80 28.01
C ARG B 40 -12.65 1.29 27.93
N GLN B 41 -11.41 0.86 27.80
CA GLN B 41 -11.08 -0.56 27.76
C GLN B 41 -9.75 -0.80 28.46
N PRO B 42 -9.76 -1.42 29.65
CA PRO B 42 -8.51 -1.79 30.30
C PRO B 42 -7.81 -2.89 29.53
N PRO B 43 -6.49 -3.05 29.71
CA PRO B 43 -5.75 -4.09 28.99
C PRO B 43 -6.36 -5.47 29.23
N GLY B 44 -6.76 -6.12 28.13
CA GLY B 44 -7.27 -7.47 28.19
C GLY B 44 -8.63 -7.63 28.83
N LYS B 45 -9.45 -6.58 28.87
CA LYS B 45 -10.77 -6.66 29.48
C LYS B 45 -11.79 -6.05 28.54
N ALA B 46 -13.06 -6.07 28.96
CA ALA B 46 -14.14 -5.65 28.08
C ALA B 46 -14.25 -4.13 28.01
N LEU B 47 -15.01 -3.66 27.04
CA LEU B 47 -15.33 -2.25 26.93
C LEU B 47 -16.29 -1.84 28.05
N GLU B 48 -16.15 -0.60 28.51
CA GLU B 48 -16.97 -0.06 29.59
C GLU B 48 -17.40 1.35 29.23
N TRP B 49 -18.71 1.59 29.18
CA TRP B 49 -19.20 2.93 28.87
C TRP B 49 -19.00 3.84 30.07
N LEU B 50 -18.48 5.05 29.82
CA LEU B 50 -18.15 5.94 30.92
C LEU B 50 -19.20 7.03 31.13
N ALA B 51 -19.51 7.79 30.09
CA ALA B 51 -20.35 8.97 30.20
C ALA B 51 -20.81 9.36 28.80
N ASP B 52 -21.74 10.30 28.75
CA ASP B 52 -22.11 10.91 27.47
C ASP B 52 -22.75 12.27 27.70
N ILE B 53 -22.87 13.02 26.61
CA ILE B 53 -23.47 14.36 26.60
C ILE B 53 -24.24 14.55 25.30
N TRP B 54 -25.32 15.31 25.38
CA TRP B 54 -26.23 15.53 24.26
C TRP B 54 -26.27 17.00 23.87
N TRP B 55 -26.89 17.28 22.72
CA TRP B 55 -26.95 18.64 22.21
C TRP B 55 -27.73 19.58 23.12
N ASP B 56 -28.63 19.05 23.95
CA ASP B 56 -29.38 19.89 24.88
C ASP B 56 -28.72 19.98 26.25
N ASP B 57 -27.43 19.65 26.34
CA ASP B 57 -26.59 19.73 27.52
C ASP B 57 -26.97 18.73 28.60
N LYS B 58 -27.80 17.74 28.29
CA LYS B 58 -28.05 16.66 29.23
C LYS B 58 -26.87 15.70 29.23
N LYS B 59 -26.51 15.22 30.43
CA LYS B 59 -25.32 14.43 30.62
C LYS B 59 -25.69 13.14 31.33
N ASP B 60 -24.87 12.10 31.13
CA ASP B 60 -25.08 10.86 31.84
C ASP B 60 -23.73 10.22 32.18
N TYR B 61 -23.69 9.54 33.32
CA TYR B 61 -22.46 8.97 33.85
C TYR B 61 -22.71 7.54 34.29
N ASN B 62 -21.67 6.71 34.17
CA ASN B 62 -21.76 5.33 34.64
C ASN B 62 -21.62 5.33 36.16
N PRO B 63 -22.58 4.75 36.90
CA PRO B 63 -22.50 4.79 38.36
C PRO B 63 -21.25 4.14 38.93
N SER B 64 -20.58 3.27 38.15
CA SER B 64 -19.39 2.58 38.64
C SER B 64 -18.24 3.51 38.95
N LEU B 65 -18.35 4.81 38.62
CA LEU B 65 -17.31 5.78 38.90
C LEU B 65 -17.90 7.20 38.80
N LYS B 66 -19.20 7.32 39.04
CA LYS B 66 -19.94 8.55 38.76
C LYS B 66 -19.38 9.75 39.52
N SER B 67 -18.95 9.51 40.76
CA SER B 67 -18.42 10.58 41.60
C SER B 67 -17.15 11.20 41.02
N ARG B 68 -16.49 10.51 40.10
CA ARG B 68 -15.19 10.90 39.57
C ARG B 68 -15.26 11.47 38.16
N LEU B 69 -16.44 11.56 37.58
CA LEU B 69 -16.59 11.88 36.17
C LEU B 69 -17.27 13.23 36.01
N THR B 70 -16.77 14.01 35.06
CA THR B 70 -17.42 15.26 34.68
C THR B 70 -17.25 15.45 33.18
N ILE B 71 -18.35 15.53 32.45
CA ILE B 71 -18.31 15.73 31.01
C ILE B 71 -18.85 17.12 30.70
N SER B 72 -18.27 17.75 29.68
CA SER B 72 -18.72 19.07 29.23
C SER B 72 -18.48 19.17 27.74
N LYS B 73 -19.12 20.16 27.11
CA LYS B 73 -18.98 20.37 25.68
C LYS B 73 -18.72 21.84 25.39
N ASP B 74 -18.02 22.06 24.27
CA ASP B 74 -17.79 23.39 23.71
C ASP B 74 -18.14 23.24 22.23
N THR B 75 -19.38 23.58 21.87
CA THR B 75 -19.81 23.35 20.50
C THR B 75 -19.14 24.31 19.53
N SER B 76 -18.76 25.51 20.01
CA SER B 76 -18.05 26.45 19.14
C SER B 76 -16.71 25.89 18.68
N ALA B 77 -16.06 25.06 19.51
CA ALA B 77 -14.79 24.46 19.14
C ALA B 77 -14.92 22.99 18.77
N ASN B 78 -16.14 22.45 18.73
CA ASN B 78 -16.39 21.05 18.39
C ASN B 78 -15.62 20.11 19.32
N GLN B 79 -15.65 20.39 20.62
CA GLN B 79 -14.86 19.60 21.55
C GLN B 79 -15.72 19.16 22.72
N VAL B 80 -15.45 17.96 23.21
CA VAL B 80 -16.07 17.42 24.42
C VAL B 80 -14.95 17.04 25.37
N VAL B 81 -15.12 17.35 26.65
CA VAL B 81 -14.09 17.11 27.65
C VAL B 81 -14.64 16.16 28.71
N LEU B 82 -13.83 15.16 29.06
CA LEU B 82 -14.10 14.29 30.20
C LEU B 82 -13.01 14.50 31.23
N LYS B 83 -13.41 14.70 32.48
CA LYS B 83 -12.49 14.76 33.61
C LYS B 83 -12.75 13.58 34.54
N VAL B 84 -11.70 12.86 34.89
CA VAL B 84 -11.76 11.72 35.79
C VAL B 84 -10.85 12.00 36.96
N THR B 85 -11.41 12.12 38.16
CA THR B 85 -10.62 12.47 39.31
C THR B 85 -10.10 11.24 40.06
N ASN B 86 -9.09 11.47 40.90
CA ASN B 86 -8.52 10.46 41.78
C ASN B 86 -8.16 9.19 41.01
N MET B 87 -7.20 9.33 40.09
CA MET B 87 -6.87 8.26 39.17
C MET B 87 -6.15 7.13 39.89
N ASP B 88 -6.51 5.90 39.54
CA ASP B 88 -6.03 4.66 40.12
C ASP B 88 -5.42 3.77 39.04
N PRO B 89 -4.45 2.91 39.39
CA PRO B 89 -3.90 1.98 38.40
C PRO B 89 -4.96 1.13 37.70
N ALA B 90 -6.09 0.85 38.38
CA ALA B 90 -7.21 0.18 37.73
C ALA B 90 -7.86 1.00 36.63
N ASP B 91 -7.53 2.29 36.52
CA ASP B 91 -8.04 3.12 35.44
C ASP B 91 -7.14 3.10 34.21
N THR B 92 -5.99 2.43 34.28
CA THR B 92 -5.14 2.28 33.11
C THR B 92 -5.94 1.61 32.00
N ALA B 93 -6.05 2.29 30.87
CA ALA B 93 -6.97 1.80 29.84
C ALA B 93 -6.75 2.61 28.58
N THR B 94 -7.43 2.19 27.51
CA THR B 94 -7.56 3.01 26.31
C THR B 94 -8.92 3.68 26.35
N TYR B 95 -8.94 5.00 26.17
CA TYR B 95 -10.15 5.80 26.23
C TYR B 95 -10.54 6.21 24.82
N TYR B 96 -11.81 5.99 24.48
CA TYR B 96 -12.40 6.32 23.20
C TYR B 96 -13.53 7.32 23.38
N CYS B 97 -13.69 8.21 22.41
CA CYS B 97 -14.92 8.95 22.26
C CYS B 97 -15.61 8.47 20.98
N ALA B 98 -16.94 8.59 20.98
CA ALA B 98 -17.73 8.06 19.87
C ALA B 98 -19.01 8.88 19.73
N ARG B 99 -19.58 8.87 18.53
CA ARG B 99 -20.75 9.66 18.21
C ARG B 99 -22.01 8.81 18.35
N SER B 100 -23.09 9.42 18.84
CA SER B 100 -24.39 8.77 18.84
C SER B 100 -25.47 9.81 18.53
N MET B 101 -26.70 9.32 18.46
CA MET B 101 -27.78 10.06 17.81
C MET B 101 -29.09 9.62 18.45
N ILE B 102 -30.04 10.55 18.59
CA ILE B 102 -31.29 10.21 19.25
C ILE B 102 -32.09 9.18 18.45
N THR B 103 -31.85 9.07 17.15
CA THR B 103 -32.50 8.04 16.34
C THR B 103 -31.78 6.70 16.42
N ASN B 104 -30.60 6.65 17.04
CA ASN B 104 -29.72 5.49 17.00
C ASN B 104 -29.58 4.85 18.37
N TRP B 105 -29.05 5.61 19.34
CA TRP B 105 -28.72 5.10 20.67
C TRP B 105 -27.74 3.93 20.57
N TYR B 106 -26.78 4.09 19.67
CA TYR B 106 -25.58 3.26 19.60
C TYR B 106 -24.46 4.13 19.05
N PHE B 107 -23.22 3.71 19.32
CA PHE B 107 -22.06 4.49 18.89
C PHE B 107 -21.59 3.95 17.54
N ASP B 108 -21.80 4.75 16.48
CA ASP B 108 -21.55 4.29 15.12
C ASP B 108 -20.16 4.63 14.59
N VAL B 109 -19.59 5.75 15.02
CA VAL B 109 -18.24 6.14 14.61
C VAL B 109 -17.44 6.44 15.87
N TRP B 110 -16.22 5.91 15.94
CA TRP B 110 -15.35 6.01 17.10
C TRP B 110 -14.05 6.71 16.74
N GLY B 111 -13.42 7.30 17.75
CA GLY B 111 -12.06 7.77 17.60
C GLY B 111 -11.08 6.61 17.57
N ALA B 112 -9.82 6.93 17.28
CA ALA B 112 -8.78 5.90 17.30
C ALA B 112 -8.52 5.38 18.70
N GLY B 113 -8.85 6.15 19.72
CA GLY B 113 -8.54 5.84 21.09
C GLY B 113 -7.20 6.39 21.50
N THR B 114 -7.09 6.75 22.78
CA THR B 114 -5.85 7.26 23.34
C THR B 114 -5.63 6.53 24.65
N THR B 115 -4.40 6.13 24.89
CA THR B 115 -4.06 5.19 25.96
C THR B 115 -3.51 5.94 27.17
N VAL B 116 -4.02 5.62 28.36
CA VAL B 116 -3.63 6.30 29.59
C VAL B 116 -3.16 5.26 30.61
N THR B 117 -1.97 5.52 31.17
CA THR B 117 -1.37 4.68 32.20
C THR B 117 -1.29 5.46 33.50
N VAL B 118 -1.74 4.86 34.60
CA VAL B 118 -1.62 5.44 35.93
C VAL B 118 -0.43 4.79 36.61
N SER B 119 0.61 5.58 36.88
CA SER B 119 1.82 5.03 37.47
C SER B 119 2.65 6.16 38.09
N SER B 120 3.31 5.85 39.20
CA SER B 120 4.25 6.78 39.80
C SER B 120 5.53 6.90 38.99
N ALA B 121 5.79 5.95 38.09
CA ALA B 121 7.02 5.92 37.32
C ALA B 121 7.02 7.02 36.26
N SER B 122 8.20 7.28 35.73
CA SER B 122 8.42 8.39 34.80
C SER B 122 8.48 7.92 33.35
N THR B 123 8.24 8.87 32.45
CA THR B 123 8.31 8.59 31.02
C THR B 123 9.75 8.25 30.64
N LYS B 124 9.91 7.21 29.82
CA LYS B 124 11.24 6.81 29.37
C LYS B 124 11.15 6.42 27.91
N GLY B 125 11.97 7.06 27.08
CA GLY B 125 12.03 6.75 25.67
C GLY B 125 12.77 5.45 25.41
N PRO B 126 12.54 4.85 24.25
CA PRO B 126 13.13 3.56 23.95
C PRO B 126 14.53 3.67 23.35
N SER B 127 15.25 2.56 23.41
CA SER B 127 16.46 2.37 22.61
C SER B 127 16.13 1.41 21.47
N VAL B 128 16.56 1.74 20.27
CA VAL B 128 16.29 0.91 19.10
C VAL B 128 17.60 0.28 18.64
N PHE B 129 17.61 -1.03 18.56
CA PHE B 129 18.79 -1.76 18.11
C PHE B 129 18.46 -2.53 16.85
N PRO B 130 19.41 -2.66 15.92
CA PRO B 130 19.14 -3.45 14.71
C PRO B 130 19.09 -4.94 15.03
N LEU B 131 18.15 -5.63 14.39
CA LEU B 131 18.15 -7.08 14.29
C LEU B 131 18.62 -7.37 12.88
N ALA B 132 19.94 -7.60 12.73
CA ALA B 132 20.63 -7.66 11.45
C ALA B 132 20.40 -9.00 10.77
N PRO B 133 20.15 -9.00 9.46
CA PRO B 133 19.99 -10.27 8.75
C PRO B 133 21.31 -11.02 8.60
N SER B 134 21.20 -12.32 8.45
CA SER B 134 22.35 -13.21 8.32
C SER B 134 21.86 -14.51 7.71
N SER B 135 22.82 -15.42 7.48
CA SER B 135 22.48 -16.75 7.00
C SER B 135 21.64 -17.50 8.01
N LYS B 136 21.69 -17.08 9.28
CA LYS B 136 20.90 -17.67 10.34
C LYS B 136 19.48 -17.11 10.37
N SER B 137 19.18 -16.09 9.57
CA SER B 137 17.82 -15.55 9.45
C SER B 137 17.28 -15.64 8.03
N THR B 138 17.83 -16.52 7.20
CA THR B 138 17.34 -16.69 5.84
C THR B 138 16.49 -17.94 5.73
N SER B 139 15.59 -17.92 4.75
CA SER B 139 14.63 -19.01 4.54
C SER B 139 14.22 -18.93 3.07
N GLY B 140 14.82 -19.79 2.25
CA GLY B 140 14.59 -19.72 0.81
C GLY B 140 15.20 -18.46 0.23
N GLY B 141 14.45 -17.79 -0.64
CA GLY B 141 14.92 -16.54 -1.22
C GLY B 141 14.62 -15.35 -0.33
N THR B 142 14.47 -15.59 0.97
CA THR B 142 13.95 -14.60 1.89
C THR B 142 14.88 -14.49 3.09
N ALA B 143 14.95 -13.28 3.66
CA ALA B 143 15.71 -13.04 4.87
C ALA B 143 14.91 -12.14 5.79
N ALA B 144 14.95 -12.42 7.09
CA ALA B 144 14.26 -11.59 8.05
C ALA B 144 15.23 -10.62 8.71
N LEU B 145 14.75 -9.43 9.00
CA LEU B 145 15.50 -8.41 9.72
C LEU B 145 14.50 -7.65 10.57
N GLY B 146 15.01 -6.81 11.47
CA GLY B 146 14.07 -6.14 12.35
C GLY B 146 14.72 -5.09 13.22
N CYS B 147 13.95 -4.63 14.20
CA CYS B 147 14.36 -3.63 15.16
C CYS B 147 13.89 -4.07 16.54
N LEU B 148 14.79 -4.02 17.51
CA LEU B 148 14.47 -4.27 18.90
C LEU B 148 14.25 -2.93 19.60
N VAL B 149 13.03 -2.71 20.08
CA VAL B 149 12.62 -1.47 20.73
C VAL B 149 12.55 -1.76 22.23
N LYS B 150 13.58 -1.34 22.98
CA LYS B 150 13.79 -1.79 24.34
C LYS B 150 13.68 -0.65 25.35
N ASP B 151 13.14 -0.98 26.54
CA ASP B 151 13.22 -0.15 27.74
C ASP B 151 12.54 1.21 27.54
N TYR B 152 11.21 1.17 27.42
CA TYR B 152 10.40 2.38 27.34
C TYR B 152 9.19 2.28 28.26
N PHE B 153 8.60 3.44 28.54
CA PHE B 153 7.44 3.55 29.43
C PHE B 153 6.85 4.94 29.26
N PRO B 154 5.51 5.07 29.15
CA PRO B 154 4.50 4.02 29.15
C PRO B 154 4.21 3.52 27.74
N GLU B 155 3.15 2.75 27.55
CA GLU B 155 2.67 2.41 26.23
C GLU B 155 2.04 3.64 25.58
N PRO B 156 1.90 3.66 24.24
CA PRO B 156 2.30 2.69 23.21
C PRO B 156 3.47 3.14 22.31
N VAL B 157 3.86 2.28 21.37
CA VAL B 157 4.92 2.56 20.40
C VAL B 157 4.38 2.18 19.03
N THR B 158 4.83 2.88 18.00
CA THR B 158 4.48 2.51 16.63
C THR B 158 5.75 2.33 15.83
N VAL B 159 5.77 1.31 14.98
CA VAL B 159 6.92 1.02 14.14
C VAL B 159 6.42 0.92 12.71
N SER B 160 7.05 1.66 11.82
CA SER B 160 6.87 1.48 10.38
C SER B 160 8.21 1.12 9.78
N TRP B 161 8.19 0.73 8.51
CA TRP B 161 9.42 0.38 7.81
C TRP B 161 9.51 1.17 6.52
N ASN B 162 10.67 1.78 6.29
CA ASN B 162 10.92 2.58 5.09
C ASN B 162 9.87 3.66 4.92
N SER B 163 9.52 4.32 6.03
CA SER B 163 8.54 5.40 6.04
C SER B 163 7.22 5.00 5.39
N GLY B 164 6.81 3.75 5.63
CA GLY B 164 5.55 3.23 5.14
C GLY B 164 5.60 2.56 3.78
N ALA B 165 6.72 2.65 3.07
CA ALA B 165 6.84 1.99 1.78
C ALA B 165 6.90 0.46 1.90
N LEU B 166 7.31 -0.06 3.04
CA LEU B 166 7.41 -1.50 3.26
C LEU B 166 6.37 -1.91 4.28
N THR B 167 5.33 -2.62 3.82
CA THR B 167 4.25 -3.05 4.70
C THR B 167 4.05 -4.56 4.74
N SER B 168 4.19 -5.25 3.62
CA SER B 168 3.97 -6.70 3.61
C SER B 168 5.14 -7.42 4.26
N GLY B 169 4.83 -8.41 5.10
CA GLY B 169 5.84 -9.20 5.75
C GLY B 169 6.28 -8.67 7.11
N VAL B 170 5.60 -7.65 7.62
CA VAL B 170 5.96 -6.96 8.84
C VAL B 170 5.13 -7.54 9.97
N HIS B 171 5.80 -8.04 11.00
CA HIS B 171 5.18 -8.45 12.26
C HIS B 171 5.75 -7.56 13.36
N THR B 172 4.92 -6.71 13.95
CA THR B 172 5.32 -5.92 15.11
C THR B 172 4.72 -6.59 16.34
N PHE B 173 5.59 -7.13 17.18
CA PHE B 173 5.12 -7.96 18.27
C PHE B 173 4.54 -7.11 19.38
N PRO B 174 3.50 -7.59 20.06
CA PRO B 174 2.99 -6.87 21.24
C PRO B 174 4.09 -6.75 22.28
N ALA B 175 4.16 -5.58 22.91
CA ALA B 175 5.18 -5.34 23.90
C ALA B 175 5.01 -6.28 25.08
N VAL B 176 6.13 -6.64 25.71
CA VAL B 176 6.14 -7.43 26.93
C VAL B 176 6.64 -6.54 28.06
N LEU B 177 6.05 -6.68 29.24
CA LEU B 177 6.50 -5.94 30.41
C LEU B 177 7.67 -6.66 31.07
N GLN B 178 8.77 -5.95 31.25
CA GLN B 178 9.98 -6.50 31.85
C GLN B 178 9.98 -6.26 33.36
N SER B 179 10.84 -7.01 34.06
CA SER B 179 10.91 -6.92 35.51
C SER B 179 11.34 -5.55 36.01
N SER B 180 11.98 -4.75 35.15
CA SER B 180 12.32 -3.37 35.51
C SER B 180 11.13 -2.44 35.46
N GLY B 181 9.98 -2.91 34.96
CA GLY B 181 8.84 -2.05 34.76
C GLY B 181 8.81 -1.36 33.41
N LEU B 182 9.79 -1.60 32.55
CA LEU B 182 9.85 -1.00 31.22
C LEU B 182 9.38 -1.98 30.18
N TYR B 183 8.82 -1.45 29.09
CA TYR B 183 8.33 -2.29 28.02
C TYR B 183 9.41 -2.54 26.98
N SER B 184 9.20 -3.59 26.20
CA SER B 184 10.15 -3.94 25.15
C SER B 184 9.41 -4.78 24.12
N LEU B 185 9.68 -4.51 22.85
CA LEU B 185 9.08 -5.25 21.75
C LEU B 185 10.10 -5.36 20.62
N SER B 186 9.71 -6.06 19.56
CA SER B 186 10.48 -6.11 18.34
C SER B 186 9.55 -5.99 17.15
N SER B 187 10.07 -5.43 16.06
CA SER B 187 9.38 -5.42 14.78
C SER B 187 10.26 -6.11 13.76
N VAL B 188 9.72 -7.11 13.07
CA VAL B 188 10.46 -7.89 12.09
C VAL B 188 9.76 -7.80 10.75
N VAL B 189 10.53 -8.00 9.69
CA VAL B 189 10.04 -8.02 8.32
C VAL B 189 10.91 -8.98 7.52
N THR B 190 10.28 -9.76 6.62
CA THR B 190 11.03 -10.59 5.68
C THR B 190 11.09 -9.90 4.32
N VAL B 191 12.26 -9.99 3.69
CA VAL B 191 12.54 -9.29 2.44
C VAL B 191 13.28 -10.24 1.51
N PRO B 192 13.32 -9.93 0.22
CA PRO B 192 14.13 -10.74 -0.71
C PRO B 192 15.59 -10.80 -0.27
N SER B 193 16.14 -12.01 -0.23
CA SER B 193 17.55 -12.19 0.09
C SER B 193 18.43 -11.37 -0.84
N SER B 194 18.11 -11.40 -2.13
CA SER B 194 18.91 -10.75 -3.16
C SER B 194 18.96 -9.23 -2.99
N SER B 195 18.06 -8.65 -2.21
CA SER B 195 17.99 -7.20 -2.06
C SER B 195 18.88 -6.68 -0.96
N LEU B 196 19.54 -7.54 -0.20
CA LEU B 196 20.36 -7.10 0.91
C LEU B 196 21.65 -6.47 0.40
N GLY B 197 22.11 -5.41 1.08
CA GLY B 197 23.31 -4.73 0.65
C GLY B 197 23.11 -3.76 -0.51
N THR B 198 21.91 -3.71 -1.08
CA THR B 198 21.54 -2.70 -2.05
C THR B 198 20.37 -1.86 -1.55
N GLN B 199 19.31 -2.51 -1.11
CA GLN B 199 18.11 -1.82 -0.64
C GLN B 199 18.29 -1.45 0.83
N THR B 200 18.07 -0.18 1.15
CA THR B 200 18.20 0.27 2.53
C THR B 200 16.92 -0.03 3.30
N TYR B 201 17.07 -0.55 4.52
CA TYR B 201 15.95 -0.88 5.38
C TYR B 201 16.09 -0.08 6.67
N ILE B 202 15.11 0.78 6.92
CA ILE B 202 15.12 1.68 8.06
C ILE B 202 13.81 1.49 8.80
N CYS B 203 13.91 1.25 10.10
CA CYS B 203 12.70 1.19 10.92
C CYS B 203 12.49 2.54 11.58
N ASN B 204 11.23 2.97 11.60
CA ASN B 204 10.82 4.27 12.12
C ASN B 204 9.98 4.00 13.35
N VAL B 205 10.56 4.30 14.51
CA VAL B 205 9.95 4.05 15.81
C VAL B 205 9.47 5.38 16.36
N ASN B 206 8.21 5.42 16.78
CA ASN B 206 7.57 6.62 17.29
C ASN B 206 7.02 6.30 18.65
N HIS B 207 7.45 7.07 19.65
CA HIS B 207 7.00 6.97 21.03
C HIS B 207 6.48 8.36 21.41
N LYS B 208 5.20 8.60 21.15
CA LYS B 208 4.59 9.87 21.50
C LYS B 208 4.61 10.19 22.99
N PRO B 209 4.48 9.24 23.93
CA PRO B 209 4.56 9.61 25.35
C PRO B 209 5.84 10.36 25.73
N SER B 210 6.93 10.18 24.98
CA SER B 210 8.18 10.87 25.26
C SER B 210 8.64 11.77 24.11
N ASN B 211 7.76 12.03 23.13
CA ASN B 211 8.08 12.84 21.97
C ASN B 211 9.32 12.29 21.25
N THR B 212 9.45 10.97 21.22
CA THR B 212 10.63 10.34 20.65
C THR B 212 10.33 9.83 19.25
N LYS B 213 11.21 10.17 18.32
CA LYS B 213 11.20 9.61 16.97
C LYS B 213 12.61 9.11 16.70
N VAL B 214 12.73 7.85 16.33
CA VAL B 214 14.03 7.25 16.05
C VAL B 214 13.93 6.54 14.70
N ASP B 215 14.93 6.76 13.85
CA ASP B 215 15.04 6.04 12.60
C ASP B 215 16.36 5.28 12.65
N LYS B 216 16.27 3.95 12.62
CA LYS B 216 17.43 3.08 12.73
C LYS B 216 17.65 2.34 11.41
N ARG B 217 18.87 2.46 10.88
CA ARG B 217 19.25 1.70 9.71
C ARG B 217 19.70 0.30 10.13
N VAL B 218 19.22 -0.69 9.40
CA VAL B 218 19.46 -2.10 9.69
C VAL B 218 20.25 -2.67 8.51
N GLU B 219 21.57 -2.89 8.73
CA GLU B 219 22.42 -3.42 7.66
C GLU B 219 22.87 -4.86 7.96
N PRO B 220 23.12 -5.68 6.91
CA PRO B 220 23.72 -7.00 7.10
C PRO B 220 25.08 -6.94 7.80
N ASP C 1 26.56 -1.46 -36.94
CA ASP C 1 25.67 -0.43 -36.40
C ASP C 1 24.23 -0.72 -36.86
N ILE C 2 23.38 -1.08 -35.91
CA ILE C 2 21.99 -1.46 -36.17
C ILE C 2 21.08 -0.39 -35.58
N GLN C 3 20.27 0.24 -36.44
CA GLN C 3 19.34 1.27 -36.00
C GLN C 3 17.90 0.77 -36.14
N MET C 4 17.01 1.29 -35.31
CA MET C 4 15.63 0.83 -35.27
C MET C 4 14.65 1.98 -35.43
N THR C 5 13.86 1.93 -36.50
CA THR C 5 12.76 2.87 -36.72
C THR C 5 11.50 2.25 -36.11
N GLN C 6 10.98 2.90 -35.06
CA GLN C 6 9.82 2.42 -34.33
C GLN C 6 8.61 3.27 -34.68
N SER C 7 7.48 2.61 -34.96
CA SER C 7 6.24 3.28 -35.38
C SER C 7 5.02 2.58 -34.80
N PRO C 8 3.99 3.34 -34.40
CA PRO C 8 3.91 4.80 -34.45
C PRO C 8 4.69 5.40 -33.29
N SER C 9 5.11 6.65 -33.40
CA SER C 9 5.83 7.29 -32.31
C SER C 9 4.91 7.53 -31.12
N THR C 10 3.64 7.84 -31.39
CA THR C 10 2.63 8.06 -30.38
C THR C 10 1.34 7.38 -30.84
N LEU C 11 0.52 6.95 -29.90
CA LEU C 11 -0.65 6.15 -30.22
C LEU C 11 -1.69 6.26 -29.12
N SER C 12 -2.95 6.48 -29.51
CA SER C 12 -4.07 6.61 -28.58
C SER C 12 -5.15 5.62 -29.00
N ALA C 13 -5.45 4.66 -28.13
CA ALA C 13 -6.40 3.61 -28.48
C ALA C 13 -7.30 3.30 -27.29
N SER C 14 -8.43 2.66 -27.59
CA SER C 14 -9.47 2.38 -26.61
C SER C 14 -9.29 1.02 -25.96
N VAL C 15 -9.86 0.86 -24.76
CA VAL C 15 -9.79 -0.41 -24.06
C VAL C 15 -10.42 -1.50 -24.92
N GLY C 16 -9.72 -2.63 -25.05
CA GLY C 16 -10.14 -3.71 -25.91
C GLY C 16 -9.62 -3.62 -27.33
N ASP C 17 -9.08 -2.48 -27.75
CA ASP C 17 -8.52 -2.37 -29.08
C ASP C 17 -7.29 -3.24 -29.24
N ARG C 18 -6.86 -3.39 -30.49
CA ARG C 18 -5.68 -4.17 -30.82
C ARG C 18 -4.66 -3.20 -31.39
N VAL C 19 -3.44 -3.24 -30.86
CA VAL C 19 -2.42 -2.27 -31.23
C VAL C 19 -1.16 -3.01 -31.62
N THR C 20 -0.52 -2.55 -32.69
CA THR C 20 0.67 -3.18 -33.23
C THR C 20 1.76 -2.11 -33.33
N ILE C 21 2.88 -2.36 -32.68
CA ILE C 21 4.04 -1.47 -32.73
C ILE C 21 5.08 -2.15 -33.59
N THR C 22 5.59 -1.43 -34.58
CA THR C 22 6.53 -1.98 -35.54
C THR C 22 7.90 -1.39 -35.28
N CYS C 23 8.91 -2.25 -35.25
N CYS C 23 8.91 -2.25 -35.35
CA CYS C 23 10.29 -1.83 -35.23
CA CYS C 23 10.31 -1.89 -35.19
C CYS C 23 10.97 -2.40 -36.47
C CYS C 23 11.02 -2.41 -36.44
N LYS C 24 11.40 -1.50 -37.34
CA LYS C 24 12.08 -1.85 -38.57
C LYS C 24 13.57 -1.60 -38.39
N ALA C 25 14.37 -2.60 -38.71
CA ALA C 25 15.80 -2.50 -38.53
C ALA C 25 16.46 -2.00 -39.81
N GLN C 26 17.51 -1.19 -39.64
CA GLN C 26 18.31 -0.67 -40.73
C GLN C 26 19.77 -0.89 -40.36
N LEU C 27 20.52 -1.49 -41.27
CA LEU C 27 21.89 -1.90 -41.02
C LEU C 27 22.90 -0.93 -41.65
N SER C 28 24.12 -0.98 -41.13
CA SER C 28 25.26 -0.24 -41.67
C SER C 28 26.50 -1.12 -41.57
N SER C 29 27.34 -1.07 -42.59
CA SER C 29 28.51 -1.95 -42.66
C SER C 29 29.54 -1.54 -41.61
N PRO C 30 29.87 -2.43 -40.65
CA PRO C 30 30.86 -2.12 -39.61
C PRO C 30 32.29 -2.11 -40.14
N GLU C 37 41.22 -7.20 -31.76
CA GLU C 37 40.72 -8.44 -32.35
C GLU C 37 39.91 -9.25 -31.33
N ASN C 38 40.20 -9.05 -30.05
CA ASN C 38 39.57 -9.85 -28.99
C ASN C 38 38.44 -9.13 -28.27
N SER C 39 37.59 -8.44 -29.02
CA SER C 39 36.38 -7.82 -28.47
C SER C 39 35.21 -8.15 -29.39
N CYS C 40 34.03 -8.27 -28.80
CA CYS C 40 32.83 -8.54 -29.59
C CYS C 40 32.37 -7.32 -30.38
N THR C 41 32.74 -6.12 -29.93
CA THR C 41 32.30 -4.89 -30.58
C THR C 41 32.77 -4.79 -32.03
N HIS C 42 34.00 -5.22 -32.32
CA HIS C 42 34.56 -5.20 -33.67
C HIS C 42 34.65 -6.60 -34.28
N PHE C 43 33.87 -7.54 -33.75
CA PHE C 43 33.90 -8.92 -34.25
C PHE C 43 33.31 -9.09 -35.66
N PRO C 44 32.07 -8.67 -35.95
CA PRO C 44 31.56 -8.89 -37.31
C PRO C 44 32.16 -7.95 -38.34
N GLY C 45 32.84 -6.89 -37.89
CA GLY C 45 33.67 -6.12 -38.79
C GLY C 45 34.98 -6.79 -39.08
N ASN C 46 35.49 -7.58 -38.14
CA ASN C 46 36.74 -8.30 -38.30
C ASN C 46 36.55 -9.66 -38.95
N LEU C 47 35.34 -10.02 -39.30
CA LEU C 47 35.13 -11.31 -39.93
C LEU C 47 35.74 -11.37 -41.34
N PRO C 48 35.59 -10.33 -42.18
CA PRO C 48 36.31 -10.33 -43.46
C PRO C 48 37.80 -10.58 -43.33
N ASN C 49 38.44 -10.12 -42.26
CA ASN C 49 39.87 -10.34 -42.11
C ASN C 49 40.17 -11.80 -41.82
N MET C 50 39.32 -12.47 -41.04
CA MET C 50 39.53 -13.90 -40.82
C MET C 50 39.29 -14.70 -42.10
N LEU C 51 38.28 -14.30 -42.89
CA LEU C 51 38.12 -14.95 -44.19
C LEU C 51 39.36 -14.74 -45.05
N ARG C 52 39.97 -13.56 -44.96
CA ARG C 52 41.20 -13.30 -45.70
C ARG C 52 42.34 -14.21 -45.23
N ASP C 53 42.49 -14.38 -43.92
CA ASP C 53 43.51 -15.28 -43.39
C ASP C 53 43.30 -16.71 -43.87
N LEU C 54 42.04 -17.15 -43.85
CA LEU C 54 41.70 -18.50 -44.30
C LEU C 54 42.02 -18.67 -45.77
N ARG C 55 41.66 -17.69 -46.60
CA ARG C 55 41.87 -17.81 -48.03
C ARG C 55 43.34 -17.79 -48.38
N ASP C 56 44.13 -16.94 -47.70
N ASP C 56 44.13 -16.94 -47.70
CA ASP C 56 45.57 -16.91 -47.96
CA ASP C 56 45.56 -16.90 -47.98
C ASP C 56 46.19 -18.27 -47.66
C ASP C 56 46.23 -18.24 -47.65
N ALA C 57 45.99 -18.75 -46.43
CA ALA C 57 46.57 -20.04 -46.03
C ALA C 57 46.15 -21.14 -46.98
N PHE C 58 44.86 -21.21 -47.33
CA PHE C 58 44.42 -22.27 -48.24
C PHE C 58 45.00 -22.09 -49.63
N SER C 59 45.15 -20.84 -50.08
CA SER C 59 45.77 -20.58 -51.38
C SER C 59 47.16 -21.15 -51.42
N ARG C 60 47.82 -21.22 -50.28
CA ARG C 60 49.17 -21.78 -50.32
C ARG C 60 49.19 -23.32 -50.30
N VAL C 61 48.05 -24.01 -50.26
CA VAL C 61 48.00 -25.47 -50.33
C VAL C 61 47.00 -25.99 -51.35
N LYS C 62 46.31 -25.12 -52.07
CA LYS C 62 45.23 -25.55 -52.95
C LYS C 62 45.71 -26.52 -54.03
N THR C 63 46.82 -26.18 -54.69
CA THR C 63 47.35 -27.03 -55.76
C THR C 63 47.74 -28.41 -55.25
N PHE C 64 48.42 -28.48 -54.10
CA PHE C 64 48.83 -29.78 -53.57
C PHE C 64 47.64 -30.71 -53.37
N PHE C 65 46.54 -30.18 -52.85
CA PHE C 65 45.38 -31.03 -52.57
C PHE C 65 44.51 -31.26 -53.80
N GLN C 66 44.32 -30.24 -54.65
CA GLN C 66 43.58 -30.44 -55.90
C GLN C 66 44.29 -31.40 -56.85
N MET C 67 45.62 -31.45 -56.80
CA MET C 67 46.33 -32.41 -57.62
C MET C 67 46.35 -33.79 -56.97
N LYS C 68 46.46 -33.83 -55.63
CA LYS C 68 46.43 -35.13 -54.97
C LYS C 68 45.05 -35.79 -55.09
N ASP C 69 43.98 -34.99 -55.11
CA ASP C 69 42.64 -35.55 -55.35
C ASP C 69 42.41 -35.66 -56.86
N GLN C 70 42.35 -36.88 -57.36
CA GLN C 70 42.17 -37.14 -58.78
C GLN C 70 40.72 -37.49 -59.14
N LEU C 71 39.76 -37.04 -58.32
CA LEU C 71 38.35 -37.29 -58.57
C LEU C 71 37.68 -36.04 -59.13
N ASP C 72 36.43 -36.19 -59.55
CA ASP C 72 35.70 -35.10 -60.19
C ASP C 72 34.30 -34.88 -59.64
N ASN C 73 33.87 -35.62 -58.63
CA ASN C 73 32.55 -35.41 -58.05
C ASN C 73 32.64 -34.37 -56.93
N LEU C 74 31.95 -33.26 -57.11
CA LEU C 74 31.84 -32.25 -56.07
C LEU C 74 31.29 -32.86 -54.78
N LEU C 75 32.01 -32.63 -53.68
CA LEU C 75 31.61 -33.10 -52.36
C LEU C 75 30.72 -32.10 -51.64
N LEU C 76 31.09 -30.82 -51.65
CA LEU C 76 30.29 -29.78 -50.99
C LEU C 76 29.36 -29.18 -52.05
N LYS C 77 28.15 -29.72 -52.14
CA LYS C 77 27.20 -29.26 -53.13
C LYS C 77 26.35 -28.11 -52.57
N GLU C 78 25.72 -27.36 -53.48
CA GLU C 78 24.93 -26.20 -53.06
C GLU C 78 23.81 -26.57 -52.11
N SER C 79 23.34 -27.81 -52.16
CA SER C 79 22.41 -28.29 -51.14
C SER C 79 22.92 -27.98 -49.73
N LEU C 80 24.24 -28.05 -49.54
CA LEU C 80 24.83 -27.67 -48.27
C LEU C 80 24.65 -26.19 -48.00
N LEU C 81 24.77 -25.34 -49.03
CA LEU C 81 24.53 -23.92 -48.85
C LEU C 81 23.06 -23.63 -48.55
N GLU C 82 22.14 -24.35 -49.20
CA GLU C 82 20.73 -24.25 -48.88
C GLU C 82 20.48 -24.56 -47.42
N ASP C 83 21.15 -25.59 -46.90
CA ASP C 83 21.06 -25.89 -45.48
C ASP C 83 21.64 -24.74 -44.65
N PHE C 84 22.82 -24.23 -45.04
CA PHE C 84 23.49 -23.18 -44.29
C PHE C 84 22.62 -21.95 -44.09
N LYS C 85 21.94 -21.51 -45.14
CA LYS C 85 21.11 -20.31 -45.06
C LYS C 85 19.69 -20.61 -44.64
N GLY C 86 19.40 -21.82 -44.18
CA GLY C 86 18.06 -22.19 -43.77
C GLY C 86 17.89 -22.08 -42.26
N TYR C 87 16.84 -22.75 -41.77
CA TYR C 87 16.50 -22.61 -40.35
C TYR C 87 17.54 -23.28 -39.46
N LEU C 88 17.97 -24.49 -39.85
CA LEU C 88 18.97 -25.25 -39.10
C LEU C 88 20.40 -24.93 -39.55
N GLY C 89 20.61 -23.77 -40.16
CA GLY C 89 21.92 -23.43 -40.70
C GLY C 89 23.01 -23.38 -39.66
N CYS C 90 22.69 -22.86 -38.47
CA CYS C 90 23.67 -22.86 -37.37
C CYS C 90 24.18 -24.27 -37.11
N GLN C 91 23.25 -25.22 -36.97
CA GLN C 91 23.64 -26.60 -36.70
C GLN C 91 24.45 -27.18 -37.85
N ALA C 92 24.06 -26.86 -39.09
CA ALA C 92 24.81 -27.33 -40.25
C ALA C 92 26.23 -26.79 -40.25
N LEU C 93 26.39 -25.49 -40.01
CA LEU C 93 27.70 -24.86 -40.03
C LEU C 93 28.61 -25.46 -38.97
N SER C 94 28.12 -25.55 -37.73
CA SER C 94 28.97 -26.11 -36.68
C SER C 94 29.30 -27.57 -36.95
N GLU C 95 28.36 -28.34 -37.52
CA GLU C 95 28.69 -29.71 -37.91
C GLU C 95 29.80 -29.73 -38.95
N MET C 96 29.76 -28.83 -39.93
CA MET C 96 30.82 -28.78 -40.93
C MET C 96 32.15 -28.38 -40.32
N ILE C 97 32.14 -27.38 -39.42
CA ILE C 97 33.36 -26.99 -38.72
C ILE C 97 33.96 -28.18 -37.98
N GLN C 98 33.12 -28.89 -37.21
CA GLN C 98 33.60 -30.07 -36.49
C GLN C 98 34.13 -31.13 -37.46
N PHE C 99 33.41 -31.35 -38.57
CA PHE C 99 33.84 -32.31 -39.58
C PHE C 99 35.25 -31.99 -40.07
N TYR C 100 35.51 -30.72 -40.38
CA TYR C 100 36.82 -30.37 -40.89
C TYR C 100 37.88 -30.44 -39.80
N LEU C 101 37.53 -30.05 -38.58
CA LEU C 101 38.52 -30.00 -37.51
C LEU C 101 38.88 -31.39 -37.01
N GLU C 102 37.97 -32.35 -37.11
CA GLU C 102 38.18 -33.66 -36.51
C GLU C 102 38.39 -34.79 -37.50
N GLU C 103 37.79 -34.72 -38.70
CA GLU C 103 37.81 -35.85 -39.60
C GLU C 103 38.68 -35.67 -40.83
N VAL C 104 38.96 -34.44 -41.25
CA VAL C 104 39.74 -34.17 -42.45
C VAL C 104 41.10 -33.57 -42.13
N MET C 105 41.15 -32.58 -41.24
CA MET C 105 42.42 -31.85 -41.08
C MET C 105 43.50 -32.57 -40.29
N PRO C 106 43.19 -33.37 -39.25
CA PRO C 106 44.28 -34.02 -38.52
C PRO C 106 45.13 -34.94 -39.39
N GLN C 107 44.55 -35.54 -40.42
CA GLN C 107 45.27 -36.47 -41.28
C GLN C 107 45.75 -35.83 -42.57
N ALA C 108 45.41 -34.57 -42.81
CA ALA C 108 45.83 -33.90 -44.04
C ALA C 108 47.11 -33.11 -43.85
N GLU C 109 47.31 -32.56 -42.68
CA GLU C 109 48.43 -31.71 -42.30
C GLU C 109 49.73 -32.45 -42.12
N ASN C 110 49.95 -33.73 -42.41
CA ASN C 110 51.21 -34.41 -42.10
C ASN C 110 51.90 -34.88 -43.37
N GLN C 111 52.65 -33.96 -43.98
CA GLN C 111 53.51 -34.21 -45.14
C GLN C 111 54.68 -33.25 -45.10
N ASP C 112 54.52 -32.09 -45.78
CA ASP C 112 55.60 -31.12 -45.79
C ASP C 112 55.43 -30.19 -44.59
N PRO C 113 56.52 -29.63 -44.06
CA PRO C 113 56.36 -28.66 -42.98
C PRO C 113 55.60 -27.42 -43.42
N ASP C 114 55.72 -27.05 -44.69
CA ASP C 114 55.03 -25.88 -45.23
C ASP C 114 53.52 -26.12 -45.22
N ILE C 115 53.10 -27.24 -45.83
CA ILE C 115 51.68 -27.62 -45.85
C ILE C 115 51.14 -27.79 -44.43
N LYS C 116 51.92 -28.43 -43.56
CA LYS C 116 51.49 -28.60 -42.18
C LYS C 116 51.23 -27.26 -41.51
N ALA C 117 52.14 -26.29 -41.70
CA ALA C 117 51.96 -24.96 -41.12
C ALA C 117 50.69 -24.29 -41.66
N HIS C 118 50.46 -24.38 -42.96
CA HIS C 118 49.28 -23.73 -43.55
C HIS C 118 47.99 -24.38 -43.04
N VAL C 119 47.94 -25.71 -43.01
CA VAL C 119 46.74 -26.41 -42.56
C VAL C 119 46.50 -26.13 -41.08
N ASN C 120 47.56 -26.09 -40.28
CA ASN C 120 47.40 -25.82 -38.86
C ASN C 120 46.89 -24.40 -38.63
N SER C 121 47.32 -23.44 -39.44
CA SER C 121 46.75 -22.10 -39.35
C SER C 121 45.27 -22.11 -39.71
N LEU C 122 44.89 -22.88 -40.74
CA LEU C 122 43.47 -23.00 -41.09
C LEU C 122 42.67 -23.55 -39.91
N GLY C 123 43.16 -24.62 -39.29
CA GLY C 123 42.44 -25.23 -38.19
C GLY C 123 42.38 -24.34 -36.96
N GLU C 124 43.48 -23.64 -36.67
CA GLU C 124 43.47 -22.73 -35.52
C GLU C 124 42.52 -21.57 -35.74
N ASN C 125 42.41 -21.08 -36.98
CA ASN C 125 41.42 -20.05 -37.25
C ASN C 125 40.00 -20.60 -37.11
N LEU C 126 39.76 -21.85 -37.53
CA LEU C 126 38.44 -22.42 -37.32
C LEU C 126 38.10 -22.52 -35.84
N LYS C 127 39.07 -22.96 -35.01
CA LYS C 127 38.83 -23.06 -33.57
C LYS C 127 38.56 -21.69 -32.95
N THR C 128 39.36 -20.70 -33.32
CA THR C 128 39.17 -19.35 -32.81
C THR C 128 37.83 -18.77 -33.23
N LEU C 129 37.42 -19.05 -34.47
CA LEU C 129 36.10 -18.62 -34.91
C LEU C 129 35.00 -19.26 -34.07
N ARG C 130 35.13 -20.56 -33.78
CA ARG C 130 34.13 -21.23 -32.97
C ARG C 130 34.02 -20.56 -31.59
N LEU C 131 35.17 -20.31 -30.96
CA LEU C 131 35.18 -19.65 -29.66
C LEU C 131 34.56 -18.26 -29.72
N ARG C 132 34.87 -17.49 -30.78
CA ARG C 132 34.35 -16.12 -30.85
C ARG C 132 32.85 -16.10 -31.13
N LEU C 133 32.38 -16.95 -32.04
CA LEU C 133 30.94 -17.02 -32.28
C LEU C 133 30.22 -17.36 -31.01
N ARG C 134 30.86 -18.14 -30.16
CA ARG C 134 30.28 -18.51 -28.89
C ARG C 134 30.33 -17.39 -27.86
N ARG C 135 31.35 -16.54 -27.91
CA ARG C 135 31.48 -15.46 -26.95
C ARG C 135 30.58 -14.27 -27.30
N CYS C 136 30.15 -14.14 -28.55
CA CYS C 136 29.51 -12.93 -29.02
C CYS C 136 28.09 -13.19 -29.52
N HIS C 137 27.16 -12.40 -29.00
CA HIS C 137 25.81 -12.22 -29.56
C HIS C 137 25.05 -13.53 -29.77
N ARG C 138 25.41 -14.59 -29.05
CA ARG C 138 24.68 -15.86 -29.13
C ARG C 138 24.67 -16.43 -30.54
N PHE C 139 25.79 -16.28 -31.27
CA PHE C 139 25.97 -17.02 -32.51
C PHE C 139 26.07 -18.50 -32.24
N LEU C 140 26.82 -18.88 -31.21
CA LEU C 140 26.88 -20.25 -30.72
C LEU C 140 26.64 -20.28 -29.22
N PRO C 141 26.11 -21.39 -28.70
CA PRO C 141 25.66 -22.60 -29.42
C PRO C 141 24.32 -22.37 -30.10
N CYS C 142 23.88 -23.30 -30.95
CA CYS C 142 22.65 -23.10 -31.69
C CYS C 142 21.44 -23.19 -30.77
N GLU C 143 20.30 -22.80 -31.32
CA GLU C 143 19.03 -22.82 -30.59
C GLU C 143 17.88 -23.11 -31.55
N SER C 152 19.45 -31.96 -41.04
CA SER C 152 20.17 -31.39 -42.18
C SER C 152 20.77 -32.50 -43.02
N LYS C 153 19.97 -33.02 -43.96
CA LYS C 153 20.42 -34.12 -44.82
C LYS C 153 21.63 -33.77 -45.68
N ALA C 154 21.94 -32.50 -45.89
CA ALA C 154 23.12 -32.16 -46.70
C ALA C 154 24.41 -32.54 -45.99
N VAL C 155 24.51 -32.28 -44.68
CA VAL C 155 25.69 -32.67 -43.94
C VAL C 155 25.79 -34.18 -43.82
N GLU C 156 24.66 -34.87 -43.67
CA GLU C 156 24.69 -36.32 -43.63
C GLU C 156 25.21 -36.89 -44.96
N GLN C 157 24.80 -36.30 -46.08
CA GLN C 157 25.28 -36.76 -47.38
C GLN C 157 26.76 -36.44 -47.57
N VAL C 158 27.20 -35.27 -47.13
CA VAL C 158 28.63 -34.95 -47.18
C VAL C 158 29.43 -35.98 -46.39
N LYS C 159 29.00 -36.28 -45.17
CA LYS C 159 29.73 -37.23 -44.33
C LYS C 159 29.71 -38.63 -44.93
N ASN C 160 28.58 -39.03 -45.52
CA ASN C 160 28.48 -40.37 -46.09
C ASN C 160 29.38 -40.52 -47.31
N ALA C 161 29.41 -39.50 -48.18
CA ALA C 161 30.33 -39.55 -49.33
C ALA C 161 31.78 -39.56 -48.87
N PHE C 162 32.11 -38.72 -47.89
CA PHE C 162 33.46 -38.70 -47.32
C PHE C 162 33.84 -40.07 -46.77
N ASN C 163 32.91 -40.73 -46.08
CA ASN C 163 33.18 -42.07 -45.56
C ASN C 163 33.46 -43.05 -46.69
N LYS C 164 32.62 -43.02 -47.74
CA LYS C 164 32.80 -43.94 -48.86
C LYS C 164 34.11 -43.69 -49.58
N LEU C 165 34.63 -42.47 -49.54
CA LEU C 165 35.84 -42.14 -50.31
C LEU C 165 37.15 -42.48 -49.61
N GLN C 166 37.11 -43.04 -48.40
CA GLN C 166 38.31 -43.54 -47.69
C GLN C 166 39.42 -42.48 -47.73
N GLU C 167 40.63 -42.84 -48.20
CA GLU C 167 41.77 -41.93 -48.16
C GLU C 167 41.54 -40.73 -49.07
N LYS C 168 41.00 -40.98 -50.26
CA LYS C 168 40.77 -39.91 -51.23
C LYS C 168 39.79 -38.87 -50.69
N GLY C 169 38.99 -39.25 -49.69
CA GLY C 169 38.04 -38.30 -49.13
C GLY C 169 38.68 -37.08 -48.48
N ILE C 170 39.76 -37.30 -47.73
CA ILE C 170 40.45 -36.18 -47.11
C ILE C 170 40.98 -35.21 -48.16
N TYR C 171 41.63 -35.77 -49.19
CA TYR C 171 42.14 -34.95 -50.28
C TYR C 171 41.01 -34.14 -50.93
N LYS C 172 39.87 -34.80 -51.17
CA LYS C 172 38.73 -34.11 -51.78
C LYS C 172 38.25 -32.93 -50.93
N ALA C 173 38.01 -33.18 -49.64
CA ALA C 173 37.50 -32.12 -48.77
C ALA C 173 38.49 -30.96 -48.66
N MET C 174 39.79 -31.29 -48.62
CA MET C 174 40.78 -30.23 -48.54
C MET C 174 40.83 -29.44 -49.84
N SER C 175 40.68 -30.11 -50.98
CA SER C 175 40.66 -29.37 -52.24
C SER C 175 39.45 -28.44 -52.33
N GLU C 176 38.32 -28.82 -51.73
CA GLU C 176 37.13 -27.97 -51.76
C GLU C 176 37.04 -26.99 -50.56
N PHE C 177 38.12 -26.86 -49.79
CA PHE C 177 38.09 -25.92 -48.67
C PHE C 177 37.75 -24.47 -49.08
N ASP C 178 38.11 -24.05 -50.30
N ASP C 178 38.09 -24.05 -50.30
CA ASP C 178 37.74 -22.72 -50.76
CA ASP C 178 37.73 -22.69 -50.71
C ASP C 178 36.22 -22.55 -50.80
C ASP C 178 36.21 -22.52 -50.83
N ILE C 179 35.53 -23.57 -51.33
CA ILE C 179 34.08 -23.58 -51.32
C ILE C 179 33.56 -23.50 -49.90
N PHE C 180 34.16 -24.29 -49.00
CA PHE C 180 33.73 -24.22 -47.60
C PHE C 180 33.86 -22.79 -47.06
N ILE C 181 34.98 -22.12 -47.35
CA ILE C 181 35.17 -20.74 -46.93
C ILE C 181 34.05 -19.86 -47.46
N ASN C 182 33.72 -20.03 -48.75
CA ASN C 182 32.64 -19.24 -49.33
C ASN C 182 31.31 -19.48 -48.61
N TYR C 183 31.04 -20.73 -48.22
CA TYR C 183 29.78 -21.01 -47.53
C TYR C 183 29.75 -20.37 -46.15
N ILE C 184 30.87 -20.45 -45.42
CA ILE C 184 30.97 -19.74 -44.15
C ILE C 184 30.70 -18.26 -44.35
N GLU C 185 31.30 -17.69 -45.40
CA GLU C 185 31.10 -16.27 -45.70
C GLU C 185 29.63 -15.96 -45.94
N ALA C 186 28.96 -16.80 -46.74
CA ALA C 186 27.55 -16.58 -47.03
C ALA C 186 26.71 -16.65 -45.75
N TYR C 187 27.03 -17.60 -44.87
CA TYR C 187 26.28 -17.72 -43.62
C TYR C 187 26.46 -16.48 -42.77
N MET C 188 27.70 -16.01 -42.64
CA MET C 188 27.96 -14.86 -41.78
C MET C 188 27.39 -13.59 -42.37
N THR C 189 27.41 -13.47 -43.68
CA THR C 189 26.81 -12.31 -44.34
C THR C 189 25.31 -12.30 -44.11
N MET C 190 24.65 -13.45 -44.27
CA MET C 190 23.23 -13.53 -43.97
C MET C 190 22.95 -13.20 -42.50
N LYS C 191 23.82 -13.64 -41.58
CA LYS C 191 23.55 -13.40 -40.17
C LYS C 191 23.74 -11.93 -39.79
N ILE C 192 24.69 -11.23 -40.42
CA ILE C 192 24.97 -9.87 -39.99
C ILE C 192 24.07 -8.86 -40.68
N ARG C 193 23.48 -9.22 -41.82
CA ARG C 193 22.44 -8.43 -42.47
C ARG C 193 21.06 -8.69 -41.87
N ASN C 194 21.00 -9.27 -40.67
CA ASN C 194 19.73 -9.55 -40.01
C ASN C 194 19.91 -9.41 -38.51
N VAL C 195 18.80 -9.19 -37.82
CA VAL C 195 18.77 -9.14 -36.36
C VAL C 195 18.25 -10.50 -35.90
N GLY C 196 19.03 -11.18 -35.06
CA GLY C 196 18.62 -12.49 -34.60
C GLY C 196 17.37 -12.43 -33.72
N TYR C 197 17.39 -11.58 -32.71
CA TYR C 197 16.27 -11.43 -31.80
C TYR C 197 15.96 -9.95 -31.61
N MET C 198 14.69 -9.66 -31.39
CA MET C 198 14.22 -8.33 -31.01
C MET C 198 13.63 -8.40 -29.60
N HIS C 199 14.01 -7.46 -28.74
CA HIS C 199 13.46 -7.41 -27.40
C HIS C 199 12.61 -6.15 -27.24
N TRP C 200 11.78 -6.13 -26.20
CA TRP C 200 10.85 -5.03 -25.95
C TRP C 200 10.78 -4.72 -24.47
N TYR C 201 10.84 -3.41 -24.16
CA TYR C 201 10.73 -2.85 -22.82
C TYR C 201 9.50 -1.97 -22.72
N GLN C 202 8.89 -1.99 -21.53
CA GLN C 202 7.78 -1.12 -21.17
C GLN C 202 8.24 -0.20 -20.04
N GLN C 203 8.00 1.10 -20.18
CA GLN C 203 8.44 2.07 -19.19
C GLN C 203 7.27 2.93 -18.76
N LYS C 204 6.98 2.90 -17.47
CA LYS C 204 6.05 3.80 -16.84
C LYS C 204 6.75 5.12 -16.49
N PRO C 205 6.01 6.23 -16.48
CA PRO C 205 6.64 7.53 -16.27
C PRO C 205 7.41 7.60 -14.96
N GLY C 206 8.65 8.07 -15.03
CA GLY C 206 9.51 8.23 -13.87
C GLY C 206 10.05 6.96 -13.28
N LYS C 207 10.02 5.86 -14.01
CA LYS C 207 10.50 4.58 -13.50
C LYS C 207 11.38 3.90 -14.53
N ALA C 208 12.20 2.96 -14.05
CA ALA C 208 13.10 2.22 -14.92
C ALA C 208 12.31 1.32 -15.87
N PRO C 209 12.84 1.11 -17.08
CA PRO C 209 12.17 0.19 -18.02
C PRO C 209 12.04 -1.20 -17.42
N LYS C 210 10.99 -1.89 -17.82
CA LYS C 210 10.72 -3.26 -17.39
C LYS C 210 10.75 -4.16 -18.62
N LEU C 211 11.47 -5.29 -18.51
CA LEU C 211 11.51 -6.23 -19.62
C LEU C 211 10.12 -6.73 -19.93
N LEU C 212 9.67 -6.49 -21.16
CA LEU C 212 8.32 -6.87 -21.57
C LEU C 212 8.33 -8.16 -22.37
N ILE C 213 9.11 -8.19 -23.45
CA ILE C 213 9.21 -9.37 -24.31
C ILE C 213 10.69 -9.55 -24.66
N TYR C 214 11.15 -10.78 -24.68
CA TYR C 214 12.55 -11.06 -25.00
C TYR C 214 12.60 -12.18 -26.02
N ASP C 215 13.70 -12.21 -26.78
CA ASP C 215 13.90 -13.21 -27.83
C ASP C 215 12.74 -13.19 -28.83
N THR C 216 12.29 -11.97 -29.17
CA THR C 216 11.29 -11.68 -30.19
C THR C 216 9.86 -12.03 -29.75
N SER C 217 9.65 -13.18 -29.12
CA SER C 217 8.28 -13.61 -28.86
C SER C 217 8.02 -14.14 -27.45
N LYS C 218 9.00 -14.13 -26.55
CA LYS C 218 8.82 -14.72 -25.23
C LYS C 218 8.37 -13.67 -24.22
N LEU C 219 7.45 -14.06 -23.34
CA LEU C 219 6.88 -13.17 -22.34
C LEU C 219 7.74 -13.16 -21.09
N ALA C 220 8.11 -11.96 -20.65
CA ALA C 220 8.90 -11.83 -19.44
C ALA C 220 8.00 -11.98 -18.23
N SER C 221 8.63 -11.89 -17.06
CA SER C 221 7.93 -12.09 -15.80
C SER C 221 6.80 -11.09 -15.60
N GLY C 222 5.64 -11.61 -15.21
CA GLY C 222 4.52 -10.74 -14.90
C GLY C 222 3.93 -10.03 -16.09
N VAL C 223 4.07 -10.59 -17.28
CA VAL C 223 3.54 -10.01 -18.50
C VAL C 223 2.37 -10.87 -18.95
N PRO C 224 1.17 -10.31 -19.10
CA PRO C 224 -0.02 -11.13 -19.35
C PRO C 224 -0.14 -11.57 -20.81
N SER C 225 -0.98 -12.60 -21.00
CA SER C 225 -1.19 -13.21 -22.31
C SER C 225 -1.59 -12.19 -23.36
N ARG C 226 -2.07 -11.04 -22.93
CA ARG C 226 -2.49 -9.96 -23.82
C ARG C 226 -1.36 -9.47 -24.72
N PHE C 227 -0.10 -9.65 -24.31
CA PHE C 227 1.06 -9.27 -25.11
C PHE C 227 1.57 -10.42 -25.95
N SER C 228 2.05 -10.10 -27.16
CA SER C 228 2.74 -11.08 -27.99
C SER C 228 3.75 -10.34 -28.86
N GLY C 229 4.76 -11.08 -29.32
CA GLY C 229 5.80 -10.52 -30.16
C GLY C 229 6.00 -11.37 -31.39
N SER C 230 6.56 -10.74 -32.43
CA SER C 230 6.73 -11.46 -33.69
C SER C 230 7.79 -10.77 -34.53
N GLY C 231 8.19 -11.44 -35.60
CA GLY C 231 9.01 -10.85 -36.64
C GLY C 231 10.28 -11.64 -36.88
N SER C 232 11.00 -11.20 -37.91
CA SER C 232 12.30 -11.79 -38.24
C SER C 232 13.05 -10.84 -39.16
N GLY C 233 14.33 -11.17 -39.37
CA GLY C 233 15.18 -10.42 -40.26
C GLY C 233 15.29 -8.96 -39.86
N THR C 234 14.51 -8.11 -40.52
CA THR C 234 14.51 -6.68 -40.25
C THR C 234 13.18 -6.12 -39.78
N ALA C 235 12.09 -6.89 -39.82
CA ALA C 235 10.78 -6.38 -39.41
C ALA C 235 10.34 -7.11 -38.15
N PHE C 236 10.02 -6.35 -37.09
CA PHE C 236 9.56 -6.96 -35.85
C PHE C 236 8.35 -6.19 -35.33
N THR C 237 7.49 -6.87 -34.57
CA THR C 237 6.26 -6.27 -34.09
C THR C 237 5.97 -6.70 -32.67
N LEU C 238 5.29 -5.81 -31.95
CA LEU C 238 4.79 -6.03 -30.60
C LEU C 238 3.30 -5.76 -30.63
N THR C 239 2.49 -6.78 -30.32
CA THR C 239 1.05 -6.65 -30.42
C THR C 239 0.41 -6.79 -29.04
N ILE C 240 -0.49 -5.88 -28.74
CA ILE C 240 -1.38 -5.98 -27.60
C ILE C 240 -2.77 -6.24 -28.16
N SER C 241 -3.31 -7.44 -27.89
CA SER C 241 -4.56 -7.85 -28.53
C SER C 241 -5.77 -7.16 -27.89
N SER C 242 -5.77 -7.00 -26.57
CA SER C 242 -6.91 -6.41 -25.86
C SER C 242 -6.39 -5.37 -24.87
N LEU C 243 -6.39 -4.10 -25.29
CA LEU C 243 -5.74 -3.04 -24.54
C LEU C 243 -6.42 -2.82 -23.19
N GLN C 244 -5.62 -2.53 -22.17
CA GLN C 244 -6.09 -2.33 -20.82
C GLN C 244 -5.58 -1.01 -20.27
N PRO C 245 -6.27 -0.43 -19.27
CA PRO C 245 -5.82 0.87 -18.74
C PRO C 245 -4.39 0.88 -18.26
N ASP C 246 -3.91 -0.23 -17.72
CA ASP C 246 -2.55 -0.29 -17.21
C ASP C 246 -1.51 -0.39 -18.32
N ASP C 247 -1.93 -0.55 -19.57
CA ASP C 247 -0.98 -0.61 -20.68
C ASP C 247 -0.49 0.76 -21.10
N PHE C 248 -0.99 1.84 -20.49
CA PHE C 248 -0.43 3.16 -20.73
C PHE C 248 1.05 3.15 -20.42
N ALA C 249 1.88 3.54 -21.39
CA ALA C 249 3.33 3.50 -21.15
C ALA C 249 4.12 3.96 -22.36
N THR C 250 5.44 4.01 -22.27
CA THR C 250 6.27 4.13 -23.45
C THR C 250 6.94 2.79 -23.70
N TYR C 251 6.89 2.31 -24.93
CA TYR C 251 7.43 1.00 -25.29
C TYR C 251 8.63 1.19 -26.20
N TYR C 252 9.69 0.43 -25.93
CA TYR C 252 10.94 0.54 -26.69
C TYR C 252 11.37 -0.84 -27.16
N CYS C 253 11.63 -0.98 -28.46
CA CYS C 253 12.34 -2.15 -28.91
C CYS C 253 13.84 -1.96 -28.70
N PHE C 254 14.53 -3.08 -28.46
CA PHE C 254 15.94 -3.08 -28.12
C PHE C 254 16.63 -4.25 -28.83
N GLN C 255 17.86 -4.02 -29.24
CA GLN C 255 18.64 -4.98 -29.99
C GLN C 255 19.97 -5.22 -29.29
N GLY C 256 20.30 -6.50 -29.06
CA GLY C 256 21.58 -6.87 -28.50
C GLY C 256 22.39 -7.72 -29.45
N SER C 257 21.98 -7.76 -30.72
CA SER C 257 22.65 -8.60 -31.71
C SER C 257 23.96 -7.99 -32.18
N GLY C 258 24.17 -6.69 -31.97
CA GLY C 258 25.38 -6.04 -32.42
C GLY C 258 25.72 -4.81 -31.62
N TYR C 259 27.01 -4.56 -31.40
CA TYR C 259 27.43 -3.35 -30.70
C TYR C 259 27.48 -2.16 -31.67
N PRO C 260 27.04 -0.98 -31.24
CA PRO C 260 26.45 -0.70 -29.92
C PRO C 260 25.04 -1.23 -29.79
N PHE C 261 24.64 -1.67 -28.61
CA PHE C 261 23.23 -1.96 -28.37
C PHE C 261 22.41 -0.72 -28.66
N THR C 262 21.26 -0.90 -29.28
CA THR C 262 20.42 0.23 -29.65
C THR C 262 18.97 -0.02 -29.27
N PHE C 263 18.23 1.08 -29.14
CA PHE C 263 16.82 1.08 -28.81
C PHE C 263 16.04 1.70 -29.96
N GLY C 264 14.75 1.41 -29.99
CA GLY C 264 13.86 2.10 -30.89
C GLY C 264 13.60 3.52 -30.42
N GLY C 265 12.93 4.29 -31.27
CA GLY C 265 12.57 5.64 -30.87
C GLY C 265 11.56 5.71 -29.75
N GLY C 266 10.77 4.65 -29.57
CA GLY C 266 9.78 4.58 -28.52
C GLY C 266 8.39 4.90 -29.02
N THR C 267 7.40 4.28 -28.38
CA THR C 267 5.99 4.54 -28.67
C THR C 267 5.29 4.90 -27.37
N LYS C 268 4.76 6.12 -27.29
CA LYS C 268 3.98 6.52 -26.12
C LYS C 268 2.53 6.16 -26.37
N LEU C 269 1.95 5.38 -25.45
CA LEU C 269 0.63 4.79 -25.60
C LEU C 269 -0.27 5.33 -24.50
N GLU C 270 -1.32 6.06 -24.93
CA GLU C 270 -2.38 6.60 -24.08
C GLU C 270 -3.65 5.78 -24.26
N ILE C 271 -4.40 5.61 -23.19
CA ILE C 271 -5.61 4.78 -23.19
C ILE C 271 -6.82 5.71 -23.26
N LYS C 272 -7.65 5.51 -24.29
CA LYS C 272 -8.86 6.29 -24.45
C LYS C 272 -9.94 5.82 -23.48
N ARG C 273 -10.75 6.76 -23.02
CA ARG C 273 -11.86 6.47 -22.12
C ARG C 273 -12.96 7.49 -22.36
N THR C 274 -14.06 7.35 -21.62
CA THR C 274 -15.17 8.29 -21.74
C THR C 274 -14.78 9.67 -21.22
N VAL C 275 -15.46 10.70 -21.73
CA VAL C 275 -15.18 12.05 -21.29
C VAL C 275 -15.54 12.18 -19.82
N ALA C 276 -14.61 12.71 -19.03
CA ALA C 276 -14.81 12.95 -17.61
C ALA C 276 -14.46 14.40 -17.33
N ALA C 277 -15.39 15.12 -16.72
CA ALA C 277 -15.17 16.53 -16.43
C ALA C 277 -14.27 16.68 -15.21
N PRO C 278 -13.45 17.73 -15.17
CA PRO C 278 -12.56 17.93 -14.02
C PRO C 278 -13.29 18.52 -12.83
N SER C 279 -12.78 18.20 -11.65
CA SER C 279 -13.18 18.93 -10.44
C SER C 279 -12.18 20.06 -10.23
N VAL C 280 -12.68 21.28 -10.06
CA VAL C 280 -11.85 22.47 -9.99
C VAL C 280 -11.74 22.93 -8.55
N PHE C 281 -10.52 23.15 -8.09
CA PHE C 281 -10.25 23.75 -6.78
C PHE C 281 -9.30 24.92 -6.96
N ILE C 282 -9.32 25.84 -6.00
CA ILE C 282 -8.41 26.98 -6.04
C ILE C 282 -7.82 27.20 -4.64
N PHE C 283 -6.54 27.52 -4.61
CA PHE C 283 -5.80 27.73 -3.35
C PHE C 283 -5.17 29.11 -3.42
N PRO C 284 -5.48 30.00 -2.47
CA PRO C 284 -4.81 31.30 -2.40
C PRO C 284 -3.39 31.13 -1.86
N PRO C 285 -2.56 32.18 -1.97
CA PRO C 285 -1.21 32.09 -1.43
C PRO C 285 -1.20 31.99 0.08
N SER C 286 -0.20 31.29 0.61
CA SER C 286 -0.05 31.19 2.06
C SER C 286 0.52 32.50 2.62
N ASP C 287 0.27 32.72 3.90
CA ASP C 287 0.87 33.88 4.56
C ASP C 287 2.39 33.75 4.62
N GLU C 288 2.89 32.53 4.78
CA GLU C 288 4.33 32.31 4.84
C GLU C 288 5.01 32.74 3.54
N GLN C 289 4.37 32.51 2.40
CA GLN C 289 4.98 32.91 1.14
C GLN C 289 4.84 34.41 0.94
N LEU C 290 3.68 34.97 1.30
CA LEU C 290 3.47 36.40 1.14
C LEU C 290 4.47 37.21 1.96
N LYS C 291 4.87 36.71 3.13
CA LYS C 291 5.93 37.37 3.89
C LYS C 291 7.24 37.45 3.10
N SER C 292 7.52 36.46 2.25
CA SER C 292 8.75 36.43 1.48
C SER C 292 8.71 37.29 0.21
N GLY C 293 7.60 37.96 -0.10
CA GLY C 293 7.55 38.87 -1.23
C GLY C 293 6.92 38.33 -2.51
N THR C 294 6.40 37.11 -2.50
CA THR C 294 5.84 36.47 -3.67
C THR C 294 4.46 35.90 -3.34
N ALA C 295 3.57 35.85 -4.34
CA ALA C 295 2.24 35.27 -4.18
C ALA C 295 2.02 34.27 -5.29
N SER C 296 1.67 33.03 -4.92
CA SER C 296 1.36 31.97 -5.89
C SER C 296 -0.07 31.52 -5.66
N VAL C 297 -0.88 31.58 -6.71
CA VAL C 297 -2.25 31.12 -6.67
C VAL C 297 -2.34 29.85 -7.51
N VAL C 298 -2.86 28.77 -6.93
CA VAL C 298 -2.85 27.47 -7.59
C VAL C 298 -4.28 27.07 -7.93
N CYS C 299 -4.49 26.62 -9.17
CA CYS C 299 -5.75 26.08 -9.63
C CYS C 299 -5.57 24.61 -9.96
N LEU C 300 -6.45 23.76 -9.46
CA LEU C 300 -6.31 22.31 -9.59
C LEU C 300 -7.51 21.73 -10.34
N LEU C 301 -7.23 21.04 -11.44
CA LEU C 301 -8.22 20.30 -12.22
C LEU C 301 -7.95 18.82 -11.96
N ASN C 302 -8.87 18.16 -11.29
CA ASN C 302 -8.63 16.80 -10.82
C ASN C 302 -9.45 15.81 -11.65
N ASN C 303 -8.76 14.74 -12.08
CA ASN C 303 -9.26 13.54 -12.73
C ASN C 303 -10.20 13.82 -13.89
N PHE C 304 -9.66 14.22 -15.04
CA PHE C 304 -10.45 14.55 -16.21
C PHE C 304 -9.92 13.84 -17.44
N TYR C 305 -10.81 13.65 -18.42
CA TYR C 305 -10.43 13.15 -19.73
C TYR C 305 -11.31 13.80 -20.78
N PRO C 306 -10.74 14.26 -21.91
CA PRO C 306 -9.33 14.10 -22.33
C PRO C 306 -8.35 15.11 -21.74
N ARG C 307 -7.11 15.00 -22.20
CA ARG C 307 -6.01 15.81 -21.66
C ARG C 307 -6.21 17.29 -21.93
N GLU C 308 -6.81 17.63 -23.07
CA GLU C 308 -6.96 19.02 -23.48
C GLU C 308 -7.91 19.77 -22.55
N ALA C 309 -7.45 20.89 -22.02
CA ALA C 309 -8.26 21.74 -21.16
C ALA C 309 -7.71 23.16 -21.25
N LYS C 310 -8.60 24.12 -21.07
CA LYS C 310 -8.28 25.54 -21.18
C LYS C 310 -8.46 26.16 -19.80
N VAL C 311 -7.36 26.61 -19.19
CA VAL C 311 -7.38 27.24 -17.87
C VAL C 311 -6.88 28.67 -18.02
N GLN C 312 -7.71 29.63 -17.65
CA GLN C 312 -7.37 31.05 -17.76
C GLN C 312 -7.52 31.74 -16.41
N TRP C 313 -6.59 32.64 -16.12
CA TRP C 313 -6.60 33.42 -14.90
C TRP C 313 -7.20 34.80 -15.18
N LYS C 314 -8.06 35.26 -14.26
CA LYS C 314 -8.69 36.58 -14.37
C LYS C 314 -8.54 37.30 -13.04
N VAL C 315 -7.80 38.41 -13.06
CA VAL C 315 -7.52 39.20 -11.88
C VAL C 315 -8.31 40.50 -11.99
N ASP C 316 -9.37 40.61 -11.18
CA ASP C 316 -10.31 41.73 -11.25
C ASP C 316 -10.90 41.84 -12.65
N ASN C 317 -11.32 40.70 -13.19
CA ASN C 317 -11.93 40.52 -14.50
C ASN C 317 -10.98 40.75 -15.67
N ALA C 318 -9.69 40.96 -15.42
CA ALA C 318 -8.71 41.12 -16.49
C ALA C 318 -8.06 39.78 -16.80
N LEU C 319 -8.25 39.30 -18.03
CA LEU C 319 -7.61 38.07 -18.46
C LEU C 319 -6.09 38.24 -18.41
N GLN C 320 -5.41 37.28 -17.78
CA GLN C 320 -3.97 37.32 -17.57
C GLN C 320 -3.22 36.60 -18.68
N SER C 321 -1.95 36.99 -18.85
CA SER C 321 -1.07 36.36 -19.82
C SER C 321 0.37 36.48 -19.35
N GLY C 322 1.13 35.39 -19.51
CA GLY C 322 2.56 35.39 -19.26
C GLY C 322 3.00 35.19 -17.83
N ASN C 323 2.07 35.00 -16.89
CA ASN C 323 2.44 34.92 -15.48
C ASN C 323 1.96 33.62 -14.82
N SER C 324 1.71 32.58 -15.60
CA SER C 324 1.25 31.31 -15.04
C SER C 324 1.92 30.15 -15.78
N GLN C 325 2.12 29.06 -15.06
CA GLN C 325 2.70 27.85 -15.62
C GLN C 325 1.79 26.67 -15.31
N GLU C 326 1.62 25.78 -16.27
CA GLU C 326 0.80 24.61 -16.07
C GLU C 326 1.68 23.38 -15.88
N SER C 327 1.13 22.41 -15.17
CA SER C 327 1.76 21.11 -15.07
C SER C 327 0.65 20.08 -15.06
N VAL C 328 0.89 18.99 -15.76
CA VAL C 328 -0.13 17.97 -15.97
C VAL C 328 0.48 16.61 -15.63
N THR C 329 -0.28 15.81 -14.91
CA THR C 329 0.16 14.46 -14.56
C THR C 329 0.17 13.55 -15.77
N GLU C 330 0.92 12.46 -15.65
CA GLU C 330 0.84 11.37 -16.61
C GLU C 330 -0.47 10.63 -16.42
N GLN C 331 -0.97 10.03 -17.49
CA GLN C 331 -2.28 9.39 -17.46
C GLN C 331 -2.33 8.34 -16.36
N ASP C 332 -3.46 8.30 -15.66
CA ASP C 332 -3.63 7.35 -14.56
C ASP C 332 -3.69 5.92 -15.10
N SER C 333 -2.96 5.01 -14.45
CA SER C 333 -2.90 3.61 -14.90
C SER C 333 -4.14 2.81 -14.49
N LYS C 334 -5.11 3.44 -13.83
CA LYS C 334 -6.32 2.77 -13.38
C LYS C 334 -7.59 3.31 -14.05
N ASP C 335 -7.88 4.61 -13.89
CA ASP C 335 -9.07 5.21 -14.47
C ASP C 335 -8.79 6.03 -15.73
N SER C 336 -7.53 6.12 -16.17
CA SER C 336 -7.14 6.73 -17.44
C SER C 336 -7.38 8.25 -17.48
N THR C 337 -7.40 8.92 -16.33
CA THR C 337 -7.64 10.35 -16.28
C THR C 337 -6.35 11.13 -16.07
N TYR C 338 -6.43 12.45 -16.21
CA TYR C 338 -5.34 13.38 -15.98
C TYR C 338 -5.68 14.34 -14.85
N SER C 339 -4.65 14.95 -14.27
CA SER C 339 -4.83 16.08 -13.37
C SER C 339 -3.85 17.17 -13.75
N LEU C 340 -4.26 18.42 -13.52
CA LEU C 340 -3.53 19.58 -14.00
C LEU C 340 -3.55 20.67 -12.94
N SER C 341 -2.39 21.28 -12.70
CA SER C 341 -2.30 22.47 -11.86
C SER C 341 -1.88 23.64 -12.73
N SER C 342 -2.47 24.80 -12.46
CA SER C 342 -2.06 26.06 -13.08
C SER C 342 -1.66 27.01 -11.96
N THR C 343 -0.42 27.46 -11.97
CA THR C 343 0.12 28.31 -10.93
C THR C 343 0.36 29.71 -11.48
N LEU C 344 -0.38 30.68 -10.95
CA LEU C 344 -0.21 32.09 -11.24
C LEU C 344 0.74 32.70 -10.20
N THR C 345 1.88 33.21 -10.64
CA THR C 345 2.84 33.80 -9.72
C THR C 345 2.95 35.30 -9.95
N LEU C 346 2.75 36.07 -8.88
CA LEU C 346 2.82 37.52 -8.87
C LEU C 346 3.75 37.98 -7.75
N SER C 347 4.24 39.21 -7.82
CA SER C 347 4.88 39.77 -6.65
C SER C 347 3.82 40.12 -5.62
N LYS C 348 4.22 40.15 -4.35
CA LYS C 348 3.29 40.53 -3.29
C LYS C 348 2.64 41.89 -3.56
N ALA C 349 3.45 42.91 -3.86
CA ALA C 349 2.90 44.22 -4.18
C ALA C 349 1.86 44.15 -5.29
N ASP C 350 2.23 43.53 -6.41
CA ASP C 350 1.31 43.29 -7.51
C ASP C 350 0.04 42.59 -7.03
N TYR C 351 0.20 41.56 -6.18
CA TYR C 351 -0.93 40.78 -5.70
C TYR C 351 -1.87 41.64 -4.85
N GLU C 352 -1.33 42.54 -4.06
CA GLU C 352 -2.13 43.38 -3.18
C GLU C 352 -2.71 44.58 -3.90
N LYS C 353 -2.37 44.77 -5.16
CA LYS C 353 -3.05 45.81 -5.94
C LYS C 353 -4.42 45.36 -6.46
N HIS C 354 -4.88 44.15 -6.14
CA HIS C 354 -6.09 43.61 -6.75
C HIS C 354 -6.90 42.83 -5.72
N LYS C 355 -8.16 42.58 -6.06
CA LYS C 355 -9.13 41.99 -5.14
C LYS C 355 -9.56 40.58 -5.56
N VAL C 356 -10.08 40.41 -6.77
CA VAL C 356 -10.70 39.17 -7.19
C VAL C 356 -9.69 38.35 -7.98
N TYR C 357 -9.50 37.09 -7.58
CA TYR C 357 -8.62 36.17 -8.29
C TYR C 357 -9.44 34.97 -8.71
N ALA C 358 -9.51 34.72 -10.02
CA ALA C 358 -10.38 33.70 -10.56
C ALA C 358 -9.64 32.79 -11.54
N CYS C 359 -9.99 31.51 -11.47
CA CYS C 359 -9.56 30.47 -12.38
C CYS C 359 -10.77 30.02 -13.17
N GLU C 360 -10.67 30.07 -14.50
CA GLU C 360 -11.77 29.71 -15.39
C GLU C 360 -11.36 28.54 -16.27
N VAL C 361 -12.19 27.50 -16.29
CA VAL C 361 -11.85 26.21 -16.88
C VAL C 361 -12.88 25.87 -17.96
N THR C 362 -12.39 25.64 -19.17
CA THR C 362 -13.18 25.13 -20.29
C THR C 362 -12.67 23.73 -20.63
N HIS C 363 -13.59 22.77 -20.71
CA HIS C 363 -13.25 21.37 -20.97
C HIS C 363 -14.45 20.71 -21.63
N GLN C 364 -14.17 19.65 -22.40
CA GLN C 364 -15.21 18.94 -23.13
C GLN C 364 -16.28 18.38 -22.20
N GLY C 365 -15.89 17.95 -20.99
CA GLY C 365 -16.82 17.41 -20.03
C GLY C 365 -17.66 18.44 -19.30
N LEU C 366 -17.40 19.72 -19.53
CA LEU C 366 -18.16 20.82 -18.93
C LEU C 366 -19.03 21.47 -20.00
N SER C 367 -20.33 21.59 -19.70
CA SER C 367 -21.24 22.21 -20.67
C SER C 367 -21.05 23.72 -20.74
N SER C 368 -20.57 24.37 -19.68
CA SER C 368 -20.22 25.78 -19.68
C SER C 368 -19.01 25.99 -18.77
N PRO C 369 -18.18 27.01 -19.02
CA PRO C 369 -16.91 27.13 -18.28
C PRO C 369 -17.14 27.32 -16.78
N VAL C 370 -16.32 26.65 -15.98
CA VAL C 370 -16.44 26.68 -14.52
C VAL C 370 -15.42 27.67 -13.99
N THR C 371 -15.84 28.54 -13.07
CA THR C 371 -14.96 29.53 -12.48
C THR C 371 -14.93 29.36 -10.98
N LYS C 372 -13.72 29.22 -10.45
CA LYS C 372 -13.48 29.23 -9.01
C LYS C 372 -12.70 30.49 -8.68
N SER C 373 -13.19 31.27 -7.71
CA SER C 373 -12.56 32.54 -7.43
C SER C 373 -12.57 32.79 -5.93
N PHE C 374 -11.78 33.78 -5.52
CA PHE C 374 -11.80 34.24 -4.14
C PHE C 374 -11.40 35.71 -4.11
N ASN C 375 -11.82 36.38 -3.04
CA ASN C 375 -11.47 37.77 -2.78
C ASN C 375 -10.34 37.82 -1.76
N ARG C 376 -9.34 38.65 -2.05
CA ARG C 376 -8.16 38.79 -1.23
C ARG C 376 -8.50 39.41 0.13
N ASP D 1 -30.30 -1.10 35.57
CA ASP D 1 -28.99 -1.66 35.27
C ASP D 1 -29.09 -2.99 34.54
N ILE D 2 -28.62 -3.02 33.30
CA ILE D 2 -28.73 -4.20 32.44
C ILE D 2 -27.35 -4.82 32.30
N GLN D 3 -27.23 -6.08 32.70
CA GLN D 3 -25.99 -6.85 32.60
C GLN D 3 -26.15 -7.90 31.51
N MET D 4 -25.06 -8.15 30.79
CA MET D 4 -25.08 -8.99 29.60
C MET D 4 -24.09 -10.11 29.77
N THR D 5 -24.58 -11.33 29.83
CA THR D 5 -23.72 -12.50 29.84
C THR D 5 -23.55 -12.96 28.39
N GLN D 6 -22.31 -12.92 27.91
CA GLN D 6 -21.99 -13.30 26.55
C GLN D 6 -21.30 -14.66 26.56
N SER D 7 -21.75 -15.54 25.67
CA SER D 7 -21.21 -16.89 25.62
C SER D 7 -21.12 -17.39 24.19
N PRO D 8 -20.08 -18.16 23.85
CA PRO D 8 -18.96 -18.58 24.69
C PRO D 8 -17.94 -17.46 24.83
N SER D 9 -17.09 -17.50 25.86
CA SER D 9 -16.06 -16.47 26.00
C SER D 9 -15.00 -16.59 24.92
N THR D 10 -14.66 -17.81 24.50
CA THR D 10 -13.69 -18.03 23.44
C THR D 10 -14.23 -19.12 22.52
N LEU D 11 -13.80 -19.06 21.26
CA LEU D 11 -14.34 -19.99 20.28
C LEU D 11 -13.34 -20.14 19.15
N SER D 12 -13.06 -21.39 18.77
CA SER D 12 -12.12 -21.72 17.72
C SER D 12 -12.85 -22.59 16.71
N ALA D 13 -12.97 -22.11 15.48
CA ALA D 13 -13.75 -22.78 14.46
C ALA D 13 -13.04 -22.70 13.12
N SER D 14 -13.47 -23.56 12.20
CA SER D 14 -12.83 -23.70 10.90
C SER D 14 -13.48 -22.81 9.85
N VAL D 15 -12.71 -22.51 8.80
CA VAL D 15 -13.23 -21.72 7.69
C VAL D 15 -14.41 -22.45 7.06
N GLY D 16 -15.47 -21.69 6.78
CA GLY D 16 -16.70 -22.26 6.28
C GLY D 16 -17.66 -22.70 7.36
N ASP D 17 -17.20 -22.80 8.61
CA ASP D 17 -18.08 -23.14 9.69
C ASP D 17 -19.09 -22.03 9.95
N ARG D 18 -20.06 -22.39 10.77
CA ARG D 18 -21.14 -21.54 11.24
C ARG D 18 -20.98 -21.37 12.73
N VAL D 19 -21.00 -20.14 13.21
CA VAL D 19 -20.74 -19.86 14.62
C VAL D 19 -21.82 -18.93 15.16
N THR D 20 -22.30 -19.23 16.37
CA THR D 20 -23.36 -18.45 17.02
C THR D 20 -22.87 -17.99 18.39
N ILE D 21 -22.90 -16.68 18.62
CA ILE D 21 -22.55 -16.05 19.88
C ILE D 21 -23.83 -15.52 20.51
N THR D 22 -24.05 -15.83 21.78
CA THR D 22 -25.28 -15.45 22.46
C THR D 22 -25.01 -14.39 23.53
N CYS D 23 -25.98 -13.49 23.72
N CYS D 23 -26.02 -13.56 23.74
CA CYS D 23 -25.96 -12.55 24.84
CA CYS D 23 -26.05 -12.53 24.78
C CYS D 23 -27.31 -12.61 25.54
C CYS D 23 -27.36 -12.66 25.53
N LYS D 24 -27.28 -12.85 26.85
CA LYS D 24 -28.47 -12.90 27.69
C LYS D 24 -28.44 -11.67 28.59
N ALA D 25 -29.52 -10.89 28.54
CA ALA D 25 -29.64 -9.65 29.30
C ALA D 25 -30.41 -9.86 30.59
N GLN D 26 -30.01 -9.15 31.64
CA GLN D 26 -30.71 -9.21 32.91
C GLN D 26 -30.74 -7.82 33.54
N LEU D 27 -31.89 -7.41 34.06
CA LEU D 27 -32.06 -6.09 34.63
C LEU D 27 -31.91 -6.12 36.15
N SER D 28 -31.56 -4.96 36.71
CA SER D 28 -31.55 -4.70 38.15
C SER D 28 -32.07 -3.28 38.35
N SER D 29 -32.89 -3.09 39.38
CA SER D 29 -33.54 -1.80 39.58
C SER D 29 -32.55 -0.72 40.01
N GLU D 37 -34.93 13.86 37.58
CA GLU D 37 -36.28 13.77 37.04
C GLU D 37 -36.32 14.07 35.54
N ASN D 38 -35.49 15.02 35.11
CA ASN D 38 -35.45 15.45 33.71
C ASN D 38 -34.24 14.87 33.00
N SER D 39 -33.93 13.61 33.30
CA SER D 39 -32.84 12.89 32.66
C SER D 39 -33.32 11.51 32.26
N CYS D 40 -32.73 10.98 31.19
CA CYS D 40 -33.10 9.64 30.77
C CYS D 40 -32.60 8.60 31.75
N THR D 41 -31.50 8.91 32.45
CA THR D 41 -31.09 8.07 33.57
C THR D 41 -32.21 8.12 34.60
N HIS D 42 -32.54 6.97 35.17
CA HIS D 42 -33.59 6.79 36.17
C HIS D 42 -34.96 6.76 35.50
N PHE D 43 -34.99 6.72 34.17
CA PHE D 43 -36.19 6.58 33.39
C PHE D 43 -36.09 5.22 32.70
N PRO D 44 -37.05 4.33 32.84
CA PRO D 44 -38.20 4.32 33.76
C PRO D 44 -37.89 3.83 35.19
N GLY D 45 -36.82 4.28 35.85
CA GLY D 45 -36.70 3.96 37.27
C GLY D 45 -37.56 4.83 38.17
N ASN D 46 -37.76 6.09 37.80
CA ASN D 46 -38.65 7.01 38.51
C ASN D 46 -40.04 7.00 37.92
N LEU D 47 -40.33 6.04 37.07
CA LEU D 47 -41.62 5.90 36.40
C LEU D 47 -42.74 5.31 37.26
N PRO D 48 -42.50 4.36 38.18
CA PRO D 48 -43.56 4.03 39.16
C PRO D 48 -44.12 5.28 39.82
N ASN D 49 -43.29 6.31 39.97
CA ASN D 49 -43.71 7.54 40.62
C ASN D 49 -44.72 8.33 39.78
N MET D 50 -44.48 8.43 38.47
CA MET D 50 -45.41 9.16 37.61
C MET D 50 -46.74 8.41 37.52
N LEU D 51 -46.68 7.08 37.45
CA LEU D 51 -47.90 6.29 37.46
C LEU D 51 -48.67 6.50 38.75
N ARG D 52 -47.97 6.62 39.88
CA ARG D 52 -48.67 6.95 41.12
C ARG D 52 -49.27 8.34 41.07
N ASP D 53 -48.57 9.31 40.48
CA ASP D 53 -49.14 10.65 40.36
C ASP D 53 -50.43 10.61 39.54
N LEU D 54 -50.43 9.84 38.46
CA LEU D 54 -51.64 9.66 37.68
C LEU D 54 -52.73 9.00 38.51
N ARG D 55 -52.38 7.97 39.28
CA ARG D 55 -53.38 7.26 40.08
C ARG D 55 -53.92 8.12 41.22
N ASP D 56 -53.08 8.95 41.83
CA ASP D 56 -53.55 9.84 42.88
C ASP D 56 -54.53 10.86 42.30
N ALA D 57 -54.10 11.55 41.23
CA ALA D 57 -55.01 12.47 40.55
C ALA D 57 -56.32 11.78 40.17
N PHE D 58 -56.25 10.59 39.59
CA PHE D 58 -57.47 9.93 39.16
C PHE D 58 -58.32 9.48 40.34
N SER D 59 -57.68 9.03 41.43
CA SER D 59 -58.43 8.63 42.62
C SER D 59 -59.28 9.78 43.14
N ARG D 60 -58.84 11.02 42.87
CA ARG D 60 -59.70 12.14 43.31
C ARG D 60 -60.87 12.46 42.39
N VAL D 61 -61.04 11.81 41.24
CA VAL D 61 -62.18 12.08 40.36
C VAL D 61 -62.91 10.82 39.94
N LYS D 62 -62.48 9.65 40.43
CA LYS D 62 -63.05 8.38 39.99
C LYS D 62 -64.53 8.27 40.31
N THR D 63 -64.90 8.57 41.57
CA THR D 63 -66.29 8.42 41.97
C THR D 63 -67.19 9.31 41.13
N PHE D 64 -66.75 10.54 40.87
CA PHE D 64 -67.55 11.49 40.10
C PHE D 64 -67.89 10.95 38.72
N PHE D 65 -66.92 10.35 38.03
CA PHE D 65 -67.17 9.91 36.66
C PHE D 65 -67.89 8.58 36.62
N GLN D 66 -67.65 7.71 37.60
CA GLN D 66 -68.39 6.46 37.67
C GLN D 66 -69.89 6.71 37.76
N MET D 67 -70.27 7.85 38.31
CA MET D 67 -71.67 8.28 38.36
C MET D 67 -72.10 8.97 37.08
N LEU D 74 -65.29 -2.46 30.25
CA LEU D 74 -66.42 -2.46 29.32
C LEU D 74 -66.05 -1.70 28.03
N LEU D 75 -65.42 -0.54 28.15
CA LEU D 75 -64.93 0.14 26.96
C LEU D 75 -63.51 -0.29 26.61
N LEU D 76 -62.63 -0.33 27.61
CA LEU D 76 -61.26 -0.79 27.42
C LEU D 76 -61.22 -2.28 27.76
N LYS D 77 -61.30 -3.12 26.73
CA LYS D 77 -61.32 -4.55 26.90
C LYS D 77 -59.88 -5.08 26.98
N GLU D 78 -59.74 -6.32 27.42
CA GLU D 78 -58.39 -6.87 27.54
C GLU D 78 -57.69 -6.97 26.18
N SER D 79 -58.45 -7.07 25.08
CA SER D 79 -57.85 -7.00 23.74
C SER D 79 -56.95 -5.78 23.58
N LEU D 80 -57.31 -4.67 24.23
CA LEU D 80 -56.43 -3.50 24.20
C LEU D 80 -55.11 -3.78 24.89
N LEU D 81 -55.13 -4.51 26.01
CA LEU D 81 -53.87 -4.87 26.67
C LEU D 81 -53.09 -5.86 25.82
N GLU D 82 -53.79 -6.77 25.15
CA GLU D 82 -53.16 -7.67 24.19
C GLU D 82 -52.43 -6.88 23.12
N ASP D 83 -53.04 -5.79 22.65
CA ASP D 83 -52.37 -4.90 21.70
C ASP D 83 -51.14 -4.25 22.33
N PHE D 84 -51.30 -3.68 23.53
CA PHE D 84 -50.22 -2.94 24.17
C PHE D 84 -48.98 -3.81 24.32
N LYS D 85 -49.16 -5.04 24.79
CA LYS D 85 -48.06 -5.98 25.00
C LYS D 85 -47.78 -6.82 23.77
N GLY D 86 -48.31 -6.43 22.61
CA GLY D 86 -48.06 -7.10 21.36
C GLY D 86 -47.06 -6.36 20.49
N TYR D 87 -47.13 -6.63 19.18
CA TYR D 87 -46.19 -6.02 18.24
C TYR D 87 -46.46 -4.53 18.02
N LEU D 88 -47.72 -4.17 17.79
CA LEU D 88 -48.07 -2.78 17.54
C LEU D 88 -48.40 -2.04 18.83
N GLY D 89 -47.92 -2.54 19.96
CA GLY D 89 -48.29 -1.92 21.22
C GLY D 89 -47.90 -0.46 21.29
N CYS D 90 -46.71 -0.12 20.78
CA CYS D 90 -46.30 1.27 20.73
C CYS D 90 -47.37 2.09 20.04
N GLN D 91 -47.78 1.67 18.84
CA GLN D 91 -48.77 2.43 18.09
C GLN D 91 -50.09 2.46 18.84
N ALA D 92 -50.44 1.36 19.50
CA ALA D 92 -51.64 1.37 20.33
C ALA D 92 -51.48 2.35 21.48
N LEU D 93 -50.33 2.28 22.17
CA LEU D 93 -50.16 3.10 23.36
C LEU D 93 -50.27 4.58 23.02
N SER D 94 -49.50 5.03 22.03
CA SER D 94 -49.56 6.44 21.68
C SER D 94 -50.95 6.80 21.17
N GLU D 95 -51.59 5.91 20.41
CA GLU D 95 -52.93 6.23 19.96
C GLU D 95 -53.85 6.40 21.17
N MET D 96 -53.75 5.50 22.14
CA MET D 96 -54.57 5.64 23.34
C MET D 96 -54.23 6.93 24.05
N ILE D 97 -52.93 7.25 24.17
CA ILE D 97 -52.56 8.51 24.79
C ILE D 97 -53.24 9.65 24.06
N GLN D 98 -53.09 9.66 22.73
CA GLN D 98 -53.70 10.73 21.95
C GLN D 98 -55.19 10.74 22.15
N PHE D 99 -55.80 9.55 22.16
CA PHE D 99 -57.25 9.47 22.32
C PHE D 99 -57.69 10.17 23.60
N TYR D 100 -56.96 9.94 24.69
CA TYR D 100 -57.35 10.56 25.96
C TYR D 100 -57.07 12.06 25.96
N LEU D 101 -55.99 12.50 25.30
CA LEU D 101 -55.66 13.91 25.40
C LEU D 101 -56.58 14.79 24.56
N GLU D 102 -57.09 14.27 23.45
CA GLU D 102 -57.79 15.08 22.47
C GLU D 102 -59.29 14.86 22.43
N GLU D 103 -59.75 13.64 22.72
CA GLU D 103 -61.16 13.30 22.57
C GLU D 103 -61.89 13.12 23.88
N VAL D 104 -61.19 12.85 24.98
CA VAL D 104 -61.82 12.56 26.26
C VAL D 104 -61.62 13.71 27.24
N MET D 105 -60.40 14.11 27.47
CA MET D 105 -60.10 15.02 28.58
C MET D 105 -60.50 16.48 28.35
N PRO D 106 -60.39 17.03 27.14
CA PRO D 106 -60.71 18.46 26.98
C PRO D 106 -62.14 18.84 27.36
N GLN D 107 -63.10 17.94 27.18
CA GLN D 107 -64.51 18.18 27.52
C GLN D 107 -64.92 17.49 28.81
N ALA D 108 -63.98 16.93 29.56
CA ALA D 108 -64.26 16.40 30.89
C ALA D 108 -63.88 17.38 31.99
N GLU D 109 -62.84 18.18 31.76
CA GLU D 109 -62.39 19.21 32.69
C GLU D 109 -63.34 20.40 32.71
N ASN D 110 -64.63 20.18 33.01
CA ASN D 110 -65.60 21.26 32.97
C ASN D 110 -66.03 21.56 34.40
N GLN D 111 -67.27 21.22 34.80
CA GLN D 111 -67.84 21.29 36.13
C GLN D 111 -67.16 22.28 37.08
N ASP D 112 -66.58 21.78 38.16
CA ASP D 112 -65.97 22.55 39.23
C ASP D 112 -64.45 22.64 39.10
N PRO D 113 -63.84 23.60 39.82
CA PRO D 113 -62.37 23.73 39.80
C PRO D 113 -61.58 22.53 40.34
N ASP D 114 -62.10 21.77 41.32
CA ASP D 114 -61.32 20.68 41.89
C ASP D 114 -61.10 19.56 40.86
N ILE D 115 -62.20 19.05 40.30
CA ILE D 115 -62.10 18.04 39.25
C ILE D 115 -61.26 18.55 38.09
N LYS D 116 -61.45 19.82 37.74
CA LYS D 116 -60.65 20.43 36.68
C LYS D 116 -59.16 20.34 37.00
N ALA D 117 -58.78 20.66 38.24
CA ALA D 117 -57.37 20.63 38.60
C ALA D 117 -56.81 19.22 38.47
N HIS D 118 -57.56 18.22 38.93
CA HIS D 118 -57.06 16.85 38.83
C HIS D 118 -56.96 16.37 37.38
N VAL D 119 -57.98 16.64 36.58
CA VAL D 119 -57.96 16.20 35.18
C VAL D 119 -56.83 16.88 34.43
N ASN D 120 -56.61 18.17 34.69
CA ASN D 120 -55.54 18.88 34.03
C ASN D 120 -54.18 18.33 34.43
N SER D 121 -54.03 17.95 35.71
CA SER D 121 -52.79 17.30 36.13
C SER D 121 -52.59 15.97 35.41
N LEU D 122 -53.67 15.21 35.23
CA LEU D 122 -53.60 13.96 34.48
C LEU D 122 -53.09 14.21 33.06
N GLY D 123 -53.67 15.22 32.39
CA GLY D 123 -53.30 15.48 31.01
C GLY D 123 -51.87 15.98 30.89
N GLU D 124 -51.45 16.83 31.83
CA GLU D 124 -50.08 17.33 31.81
C GLU D 124 -49.09 16.20 32.03
N ASN D 125 -49.43 15.23 32.88
CA ASN D 125 -48.57 14.07 33.04
C ASN D 125 -48.51 13.22 31.79
N LEU D 126 -49.64 13.06 31.08
CA LEU D 126 -49.60 12.31 29.82
C LEU D 126 -48.71 13.00 28.79
N LYS D 127 -48.83 14.33 28.68
CA LYS D 127 -47.99 15.05 27.71
C LYS D 127 -46.52 14.95 28.07
N THR D 128 -46.21 15.13 29.36
CA THR D 128 -44.82 15.03 29.81
C THR D 128 -44.26 13.64 29.57
N LEU D 129 -45.09 12.62 29.81
CA LEU D 129 -44.67 11.25 29.52
C LEU D 129 -44.36 11.08 28.04
N ARG D 130 -45.19 11.63 27.16
CA ARG D 130 -44.95 11.51 25.72
C ARG D 130 -43.60 12.14 25.34
N LEU D 131 -43.34 13.34 25.85
CA LEU D 131 -42.06 14.00 25.57
C LEU D 131 -40.87 13.17 26.09
N ARG D 132 -41.00 12.63 27.30
CA ARG D 132 -39.88 11.89 27.88
C ARG D 132 -39.65 10.59 27.11
N LEU D 133 -40.73 9.91 26.69
CA LEU D 133 -40.58 8.72 25.87
C LEU D 133 -39.92 9.03 24.54
N ARG D 134 -40.15 10.22 23.99
CA ARG D 134 -39.50 10.55 22.72
C ARG D 134 -38.03 10.85 22.93
N ARG D 135 -37.67 11.41 24.09
CA ARG D 135 -36.29 11.79 24.33
C ARG D 135 -35.39 10.62 24.72
N CYS D 136 -35.95 9.50 25.18
CA CYS D 136 -35.15 8.45 25.80
C CYS D 136 -35.30 7.12 25.08
N HIS D 137 -34.15 6.53 24.72
CA HIS D 137 -34.02 5.12 24.34
C HIS D 137 -34.97 4.70 23.22
N ARG D 138 -35.45 5.65 22.41
CA ARG D 138 -36.30 5.36 21.26
C ARG D 138 -37.60 4.64 21.66
N PHE D 139 -38.16 5.01 22.82
CA PHE D 139 -39.51 4.54 23.14
C PHE D 139 -40.53 5.12 22.18
N LEU D 140 -40.43 6.41 21.89
CA LEU D 140 -41.22 7.07 20.85
C LEU D 140 -40.28 7.84 19.95
N PRO D 141 -40.66 8.06 18.68
CA PRO D 141 -41.88 7.56 18.03
C PRO D 141 -41.74 6.10 17.62
N CYS D 142 -42.84 5.49 17.20
CA CYS D 142 -42.81 4.09 16.80
C CYS D 142 -42.10 4.00 15.45
N SER D 152 -53.58 -0.97 16.65
CA SER D 152 -54.84 -0.61 16.02
C SER D 152 -55.96 -1.58 16.41
N LYS D 153 -56.97 -1.76 15.55
CA LYS D 153 -58.14 -2.62 15.74
C LYS D 153 -58.82 -2.40 17.10
N ALA D 154 -58.10 -2.68 18.19
CA ALA D 154 -58.66 -2.48 19.53
C ALA D 154 -58.82 -1.00 19.82
N VAL D 155 -57.84 -0.19 19.43
CA VAL D 155 -57.99 1.25 19.57
C VAL D 155 -59.08 1.76 18.62
N GLU D 156 -59.14 1.19 17.41
CA GLU D 156 -60.19 1.55 16.46
C GLU D 156 -61.57 1.18 17.00
N GLN D 157 -61.68 0.00 17.63
CA GLN D 157 -62.96 -0.39 18.22
C GLN D 157 -63.32 0.50 19.40
N VAL D 158 -62.31 0.86 20.22
CA VAL D 158 -62.53 1.81 21.30
C VAL D 158 -63.10 3.11 20.75
N LYS D 159 -62.50 3.63 19.67
CA LYS D 159 -62.95 4.91 19.13
C LYS D 159 -64.34 4.81 18.53
N ASN D 160 -64.65 3.70 17.85
CA ASN D 160 -65.98 3.56 17.25
C ASN D 160 -67.05 3.43 18.33
N ALA D 161 -66.78 2.64 19.38
CA ALA D 161 -67.72 2.56 20.49
C ALA D 161 -67.88 3.90 21.18
N PHE D 162 -66.76 4.60 21.42
CA PHE D 162 -66.80 5.92 22.04
C PHE D 162 -67.64 6.89 21.23
N ASN D 163 -67.48 6.86 19.90
CA ASN D 163 -68.29 7.70 19.01
C ASN D 163 -69.76 7.34 19.10
N LYS D 164 -70.08 6.04 19.13
CA LYS D 164 -71.48 5.64 19.19
C LYS D 164 -72.16 6.14 20.46
N LEU D 165 -71.41 6.31 21.53
CA LEU D 165 -71.95 6.71 22.82
C LEU D 165 -72.02 8.23 23.00
N GLN D 166 -71.50 8.99 22.03
CA GLN D 166 -71.60 10.46 22.00
C GLN D 166 -71.16 11.09 23.32
N GLU D 167 -72.05 11.85 23.97
CA GLU D 167 -71.69 12.58 25.18
C GLU D 167 -71.32 11.66 26.34
N LYS D 168 -72.12 10.62 26.60
CA LYS D 168 -71.81 9.72 27.71
C LYS D 168 -70.54 8.93 27.48
N GLY D 169 -70.05 8.87 26.24
CA GLY D 169 -68.80 8.19 25.97
C GLY D 169 -67.64 8.78 26.75
N ILE D 170 -67.62 10.11 26.90
CA ILE D 170 -66.58 10.76 27.70
C ILE D 170 -66.61 10.26 29.13
N TYR D 171 -67.81 10.23 29.74
CA TYR D 171 -67.93 9.71 31.10
C TYR D 171 -67.43 8.28 31.20
N LYS D 172 -67.83 7.43 30.25
CA LYS D 172 -67.37 6.05 30.26
C LYS D 172 -65.85 5.98 30.20
N ALA D 173 -65.25 6.71 29.26
CA ALA D 173 -63.80 6.67 29.09
C ALA D 173 -63.07 7.17 30.33
N MET D 174 -63.62 8.18 31.00
CA MET D 174 -62.96 8.69 32.21
C MET D 174 -63.11 7.72 33.38
N SER D 175 -64.27 7.07 33.52
CA SER D 175 -64.46 6.14 34.63
C SER D 175 -63.51 4.96 34.53
N GLU D 176 -63.13 4.56 33.32
CA GLU D 176 -62.17 3.48 33.10
C GLU D 176 -60.73 3.97 33.04
N PHE D 177 -60.44 5.20 33.47
CA PHE D 177 -59.07 5.70 33.36
C PHE D 177 -58.08 4.82 34.11
N ASP D 178 -58.50 4.21 35.22
CA ASP D 178 -57.62 3.31 35.97
C ASP D 178 -57.15 2.15 35.10
N ILE D 179 -58.06 1.58 34.32
CA ILE D 179 -57.69 0.55 33.35
C ILE D 179 -56.58 1.07 32.43
N PHE D 180 -56.77 2.30 31.93
CA PHE D 180 -55.77 2.91 31.04
C PHE D 180 -54.41 2.99 31.72
N ILE D 181 -54.37 3.48 32.96
CA ILE D 181 -53.11 3.58 33.70
C ILE D 181 -52.48 2.20 33.82
N ASN D 182 -53.28 1.20 34.17
CA ASN D 182 -52.75 -0.16 34.31
C ASN D 182 -52.13 -0.63 33.00
N TYR D 183 -52.78 -0.33 31.88
CA TYR D 183 -52.24 -0.75 30.59
C TYR D 183 -50.93 -0.03 30.26
N ILE D 184 -50.86 1.28 30.54
CA ILE D 184 -49.60 2.00 30.36
C ILE D 184 -48.50 1.32 31.17
N GLU D 185 -48.81 1.01 32.43
CA GLU D 185 -47.84 0.37 33.31
C GLU D 185 -47.40 -0.96 32.76
N ALA D 186 -48.33 -1.77 32.27
CA ALA D 186 -47.98 -3.07 31.70
C ALA D 186 -47.05 -2.93 30.51
N TYR D 187 -47.33 -1.95 29.63
CA TYR D 187 -46.47 -1.77 28.46
C TYR D 187 -45.07 -1.32 28.87
N MET D 188 -44.98 -0.33 29.75
CA MET D 188 -43.67 0.18 30.13
C MET D 188 -42.88 -0.83 30.94
N THR D 189 -43.57 -1.65 31.73
CA THR D 189 -42.93 -2.71 32.49
C THR D 189 -42.34 -3.77 31.57
N MET D 190 -43.13 -4.24 30.59
CA MET D 190 -42.57 -5.20 29.63
C MET D 190 -41.40 -4.59 28.86
N LYS D 191 -41.51 -3.30 28.52
CA LYS D 191 -40.43 -2.66 27.78
C LYS D 191 -39.19 -2.47 28.64
N ILE D 192 -39.34 -2.30 29.96
CA ILE D 192 -38.15 -2.12 30.80
C ILE D 192 -37.62 -3.43 31.36
N ARG D 193 -38.41 -4.50 31.35
CA ARG D 193 -37.82 -5.81 31.65
C ARG D 193 -37.15 -6.43 30.44
N ASN D 194 -36.94 -5.66 29.37
CA ASN D 194 -36.42 -6.21 28.13
C ASN D 194 -35.53 -5.18 27.43
N VAL D 195 -34.72 -5.69 26.51
CA VAL D 195 -33.86 -4.85 25.68
C VAL D 195 -34.56 -4.66 24.35
N GLY D 196 -34.78 -3.42 23.95
CA GLY D 196 -35.43 -3.17 22.68
C GLY D 196 -34.59 -3.66 21.52
N TYR D 197 -33.32 -3.25 21.50
CA TYR D 197 -32.39 -3.63 20.44
C TYR D 197 -31.10 -4.13 21.06
N MET D 198 -30.46 -5.06 20.38
CA MET D 198 -29.10 -5.49 20.71
C MET D 198 -28.20 -5.11 19.55
N HIS D 199 -27.06 -4.50 19.87
CA HIS D 199 -26.07 -4.15 18.88
C HIS D 199 -24.83 -4.99 19.09
N TRP D 200 -23.97 -5.04 18.07
CA TRP D 200 -22.77 -5.87 18.10
C TRP D 200 -21.63 -5.13 17.46
N TYR D 201 -20.47 -5.18 18.12
CA TYR D 201 -19.24 -4.58 17.66
C TYR D 201 -18.20 -5.67 17.42
N GLN D 202 -17.38 -5.46 16.40
CA GLN D 202 -16.26 -6.31 16.09
C GLN D 202 -14.99 -5.51 16.31
N GLN D 203 -14.03 -6.08 17.04
CA GLN D 203 -12.80 -5.38 17.38
C GLN D 203 -11.62 -6.22 16.96
N LYS D 204 -10.80 -5.65 16.08
CA LYS D 204 -9.50 -6.20 15.74
C LYS D 204 -8.48 -5.75 16.78
N PRO D 205 -7.47 -6.57 17.06
CA PRO D 205 -6.53 -6.23 18.14
C PRO D 205 -5.85 -4.89 17.91
N GLY D 206 -5.84 -4.06 18.95
CA GLY D 206 -5.20 -2.76 18.82
C GLY D 206 -5.96 -1.76 17.99
N LYS D 207 -7.26 -1.97 17.77
CA LYS D 207 -8.05 -1.05 16.98
C LYS D 207 -9.36 -0.77 17.69
N ALA D 208 -9.96 0.38 17.36
CA ALA D 208 -11.23 0.74 17.94
C ALA D 208 -12.32 -0.23 17.45
N PRO D 209 -13.30 -0.52 18.29
CA PRO D 209 -14.40 -1.38 17.85
C PRO D 209 -15.10 -0.79 16.64
N LYS D 210 -15.60 -1.69 15.80
CA LYS D 210 -16.33 -1.33 14.59
C LYS D 210 -17.76 -1.81 14.74
N LEU D 211 -18.71 -0.93 14.46
CA LEU D 211 -20.11 -1.33 14.50
C LEU D 211 -20.32 -2.46 13.50
N LEU D 212 -20.75 -3.61 14.00
CA LEU D 212 -20.94 -4.80 13.20
C LEU D 212 -22.40 -4.98 12.83
N ILE D 213 -23.27 -5.01 13.83
CA ILE D 213 -24.70 -5.15 13.61
C ILE D 213 -25.41 -4.19 14.56
N TYR D 214 -26.47 -3.55 14.09
CA TYR D 214 -27.21 -2.62 14.92
C TYR D 214 -28.69 -2.93 14.80
N ASP D 215 -29.45 -2.56 15.83
CA ASP D 215 -30.89 -2.80 15.88
C ASP D 215 -31.20 -4.29 15.71
N THR D 216 -30.40 -5.13 16.39
CA THR D 216 -30.58 -6.58 16.49
C THR D 216 -30.18 -7.31 15.22
N SER D 217 -30.59 -6.82 14.05
CA SER D 217 -30.40 -7.60 12.83
C SER D 217 -29.90 -6.81 11.63
N LYS D 218 -29.63 -5.51 11.75
CA LYS D 218 -29.26 -4.72 10.60
C LYS D 218 -27.76 -4.73 10.41
N LEU D 219 -27.33 -4.77 9.16
CA LEU D 219 -25.93 -4.88 8.81
C LEU D 219 -25.30 -3.49 8.73
N ALA D 220 -24.21 -3.29 9.44
CA ALA D 220 -23.53 -2.01 9.40
C ALA D 220 -22.70 -1.88 8.11
N SER D 221 -22.09 -0.72 7.94
CA SER D 221 -21.32 -0.44 6.73
C SER D 221 -20.14 -1.40 6.60
N GLY D 222 -19.99 -1.98 5.40
CA GLY D 222 -18.86 -2.85 5.14
C GLY D 222 -18.89 -4.19 5.84
N VAL D 223 -20.08 -4.69 6.16
CA VAL D 223 -20.25 -5.98 6.83
C VAL D 223 -20.89 -6.95 5.83
N PRO D 224 -20.29 -8.10 5.56
CA PRO D 224 -20.83 -8.99 4.52
C PRO D 224 -22.02 -9.80 5.02
N SER D 225 -22.80 -10.29 4.03
CA SER D 225 -24.05 -11.00 4.32
C SER D 225 -23.87 -12.22 5.22
N ARG D 226 -22.67 -12.78 5.31
CA ARG D 226 -22.42 -13.94 6.17
C ARG D 226 -22.69 -13.64 7.64
N PHE D 227 -22.70 -12.36 8.03
CA PHE D 227 -23.06 -11.98 9.40
C PHE D 227 -24.55 -11.72 9.48
N SER D 228 -25.15 -12.14 10.59
CA SER D 228 -26.56 -11.86 10.83
C SER D 228 -26.80 -11.78 12.33
N GLY D 229 -27.87 -11.09 12.71
CA GLY D 229 -28.23 -10.94 14.10
C GLY D 229 -29.68 -11.32 14.32
N SER D 230 -30.00 -11.68 15.55
CA SER D 230 -31.34 -12.14 15.85
C SER D 230 -31.60 -12.03 17.34
N GLY D 231 -32.87 -12.23 17.72
CA GLY D 231 -33.24 -12.35 19.11
C GLY D 231 -34.32 -11.36 19.51
N SER D 232 -34.79 -11.54 20.74
CA SER D 232 -35.78 -10.64 21.32
C SER D 232 -35.81 -10.82 22.83
N GLY D 233 -36.53 -9.91 23.48
CA GLY D 233 -36.71 -9.95 24.92
C GLY D 233 -35.40 -9.88 25.66
N THR D 234 -34.92 -11.04 26.10
CA THR D 234 -33.69 -11.13 26.87
C THR D 234 -32.60 -11.95 26.19
N ALA D 235 -32.91 -12.65 25.09
CA ALA D 235 -31.93 -13.49 24.41
C ALA D 235 -31.64 -12.93 23.03
N PHE D 236 -30.36 -12.72 22.72
CA PHE D 236 -29.96 -12.23 21.41
C PHE D 236 -28.77 -13.04 20.92
N THR D 237 -28.61 -13.11 19.61
CA THR D 237 -27.56 -13.91 18.99
C THR D 237 -26.96 -13.20 17.79
N LEU D 238 -25.69 -13.54 17.54
CA LEU D 238 -24.92 -13.10 16.38
C LEU D 238 -24.39 -14.34 15.69
N THR D 239 -24.77 -14.56 14.44
CA THR D 239 -24.38 -15.75 13.70
C THR D 239 -23.54 -15.38 12.49
N ILE D 240 -22.40 -16.06 12.34
CA ILE D 240 -21.60 -15.99 11.13
C ILE D 240 -21.79 -17.31 10.40
N SER D 241 -22.41 -17.24 9.22
CA SER D 241 -22.84 -18.45 8.53
C SER D 241 -21.68 -19.20 7.87
N SER D 242 -20.71 -18.49 7.30
CA SER D 242 -19.59 -19.10 6.60
C SER D 242 -18.30 -18.42 7.05
N LEU D 243 -17.63 -19.00 8.05
CA LEU D 243 -16.50 -18.34 8.68
C LEU D 243 -15.33 -18.13 7.70
N GLN D 244 -14.66 -17.01 7.82
CA GLN D 244 -13.57 -16.56 6.96
C GLN D 244 -12.36 -16.21 7.80
N PRO D 245 -11.16 -16.24 7.21
CA PRO D 245 -9.96 -15.89 8.00
C PRO D 245 -10.01 -14.49 8.60
N ASP D 246 -10.62 -13.52 7.91
CA ASP D 246 -10.65 -12.14 8.40
C ASP D 246 -11.63 -11.92 9.53
N ASP D 247 -12.47 -12.91 9.85
CA ASP D 247 -13.41 -12.78 10.95
C ASP D 247 -12.75 -12.96 12.30
N PHE D 248 -11.45 -13.27 12.34
CA PHE D 248 -10.73 -13.30 13.60
C PHE D 248 -10.90 -11.97 14.31
N ALA D 249 -11.39 -12.03 15.55
CA ALA D 249 -11.64 -10.78 16.29
C ALA D 249 -12.20 -11.03 17.67
N THR D 250 -12.43 -9.97 18.45
CA THR D 250 -13.23 -10.05 19.65
C THR D 250 -14.56 -9.36 19.38
N TYR D 251 -15.66 -10.01 19.75
CA TYR D 251 -17.00 -9.54 19.47
C TYR D 251 -17.71 -9.14 20.76
N TYR D 252 -18.42 -8.01 20.73
CA TYR D 252 -19.12 -7.49 21.90
C TYR D 252 -20.56 -7.15 21.59
N CYS D 253 -21.48 -7.66 22.39
CA CYS D 253 -22.83 -7.13 22.35
C CYS D 253 -22.91 -5.86 23.17
N PHE D 254 -23.78 -4.95 22.74
CA PHE D 254 -23.89 -3.64 23.37
C PHE D 254 -25.36 -3.26 23.42
N GLN D 255 -25.74 -2.61 24.52
CA GLN D 255 -27.11 -2.22 24.79
C GLN D 255 -27.18 -0.72 25.04
N GLY D 256 -28.07 -0.05 24.33
CA GLY D 256 -28.29 1.37 24.56
C GLY D 256 -29.69 1.66 25.03
N SER D 257 -30.40 0.62 25.48
CA SER D 257 -31.78 0.75 25.92
C SER D 257 -31.92 1.33 27.32
N GLY D 258 -30.85 1.31 28.12
CA GLY D 258 -30.97 1.81 29.47
C GLY D 258 -29.66 2.29 30.04
N TYR D 259 -29.73 3.35 30.83
CA TYR D 259 -28.49 3.80 31.46
C TYR D 259 -28.22 2.95 32.70
N PRO D 260 -26.97 2.54 32.94
CA PRO D 260 -25.79 2.80 32.09
C PRO D 260 -25.76 1.92 30.83
N PHE D 261 -25.26 2.45 29.71
CA PHE D 261 -24.97 1.60 28.57
C PHE D 261 -24.00 0.51 29.00
N THR D 262 -24.20 -0.71 28.51
CA THR D 262 -23.35 -1.82 28.92
C THR D 262 -22.93 -2.65 27.72
N PHE D 263 -21.82 -3.37 27.90
CA PHE D 263 -21.26 -4.25 26.89
C PHE D 263 -21.25 -5.67 27.43
N GLY D 264 -21.19 -6.64 26.51
CA GLY D 264 -20.93 -7.99 26.93
C GLY D 264 -19.49 -8.17 27.33
N GLY D 265 -19.19 -9.31 27.95
CA GLY D 265 -17.82 -9.61 28.31
C GLY D 265 -16.92 -9.83 27.11
N GLY D 266 -17.51 -10.18 25.97
CA GLY D 266 -16.78 -10.36 24.73
C GLY D 266 -16.53 -11.84 24.43
N THR D 267 -16.50 -12.16 23.14
CA THR D 267 -16.17 -13.49 22.65
C THR D 267 -14.96 -13.37 21.74
N LYS D 268 -13.87 -14.02 22.11
CA LYS D 268 -12.67 -14.01 21.28
C LYS D 268 -12.75 -15.16 20.28
N LEU D 269 -12.62 -14.84 19.00
CA LEU D 269 -12.84 -15.76 17.91
C LEU D 269 -11.54 -15.95 17.14
N GLU D 270 -11.01 -17.19 17.19
CA GLU D 270 -9.85 -17.68 16.47
C GLU D 270 -10.28 -18.61 15.34
N ILE D 271 -9.55 -18.58 14.23
CA ILE D 271 -9.86 -19.35 13.03
C ILE D 271 -8.97 -20.58 12.99
N LYS D 272 -9.58 -21.76 12.96
CA LYS D 272 -8.83 -23.01 12.81
C LYS D 272 -8.36 -23.19 11.37
N ARG D 273 -7.17 -23.78 11.23
CA ARG D 273 -6.60 -24.05 9.91
C ARG D 273 -5.73 -25.29 10.01
N THR D 274 -5.13 -25.65 8.87
CA THR D 274 -4.23 -26.78 8.84
C THR D 274 -2.95 -26.47 9.61
N VAL D 275 -2.29 -27.54 10.07
CA VAL D 275 -1.05 -27.40 10.83
C VAL D 275 0.02 -26.82 9.92
N ALA D 276 0.71 -25.78 10.41
CA ALA D 276 1.77 -25.11 9.68
C ALA D 276 3.02 -25.03 10.55
N ALA D 277 4.15 -25.50 10.01
CA ALA D 277 5.39 -25.47 10.77
C ALA D 277 6.01 -24.07 10.74
N PRO D 278 6.69 -23.67 11.82
CA PRO D 278 7.27 -22.32 11.86
C PRO D 278 8.58 -22.24 11.10
N SER D 279 8.87 -21.04 10.59
CA SER D 279 10.20 -20.73 10.09
C SER D 279 10.99 -20.10 11.23
N VAL D 280 12.16 -20.67 11.55
CA VAL D 280 12.92 -20.25 12.71
C VAL D 280 14.14 -19.45 12.25
N PHE D 281 14.30 -18.27 12.83
CA PHE D 281 15.47 -17.42 12.61
C PHE D 281 16.04 -17.03 13.96
N ILE D 282 17.32 -16.65 13.97
CA ILE D 282 17.96 -16.21 15.20
C ILE D 282 18.77 -14.95 14.92
N PHE D 283 18.76 -14.03 15.88
CA PHE D 283 19.44 -12.74 15.78
C PHE D 283 20.35 -12.58 16.99
N PRO D 284 21.65 -12.41 16.80
CA PRO D 284 22.54 -12.10 17.91
C PRO D 284 22.36 -10.66 18.36
N PRO D 285 22.96 -10.27 19.48
CA PRO D 285 22.85 -8.87 19.90
C PRO D 285 23.58 -7.96 18.92
N SER D 286 23.09 -6.72 18.86
CA SER D 286 23.75 -5.71 18.08
C SER D 286 25.02 -5.29 18.82
N ASP D 287 25.97 -4.73 18.08
CA ASP D 287 27.10 -4.15 18.77
C ASP D 287 26.62 -2.94 19.57
N GLU D 288 25.56 -2.28 19.05
CA GLU D 288 25.01 -1.10 19.69
C GLU D 288 24.50 -1.40 21.10
N GLN D 289 23.86 -2.55 21.29
CA GLN D 289 23.36 -2.89 22.62
C GLN D 289 24.46 -3.42 23.53
N LEU D 290 25.36 -4.25 22.98
CA LEU D 290 26.44 -4.81 23.78
C LEU D 290 27.27 -3.70 24.41
N LYS D 291 27.35 -2.54 23.76
CA LYS D 291 28.02 -1.40 24.38
C LYS D 291 27.40 -1.03 25.73
N SER D 292 26.07 -1.12 25.84
CA SER D 292 25.38 -0.66 27.04
C SER D 292 25.48 -1.64 28.19
N GLY D 293 26.11 -2.80 27.98
CA GLY D 293 26.30 -3.78 29.03
C GLY D 293 25.28 -4.89 29.04
N THR D 294 24.34 -4.91 28.11
CA THR D 294 23.28 -5.90 28.07
C THR D 294 23.26 -6.52 26.68
N ALA D 295 22.80 -7.77 26.62
CA ALA D 295 22.75 -8.54 25.39
C ALA D 295 21.36 -9.11 25.20
N SER D 296 20.77 -8.92 24.03
CA SER D 296 19.49 -9.52 23.69
C SER D 296 19.68 -10.41 22.46
N VAL D 297 19.34 -11.69 22.62
CA VAL D 297 19.35 -12.65 21.53
C VAL D 297 17.90 -12.97 21.22
N VAL D 298 17.50 -12.85 19.96
CA VAL D 298 16.10 -12.99 19.60
C VAL D 298 15.92 -14.23 18.74
N CYS D 299 14.92 -15.06 19.08
CA CYS D 299 14.54 -16.21 18.28
C CYS D 299 13.15 -15.97 17.72
N LEU D 300 13.00 -16.17 16.42
CA LEU D 300 11.77 -15.81 15.72
C LEU D 300 11.16 -17.06 15.08
N LEU D 301 9.90 -17.35 15.45
CA LEU D 301 9.10 -18.43 14.87
C LEU D 301 8.02 -17.78 14.02
N ASN D 302 8.09 -17.95 12.71
CA ASN D 302 7.23 -17.20 11.81
C ASN D 302 6.19 -18.11 11.17
N ASN D 303 4.94 -17.61 11.15
CA ASN D 303 3.82 -18.19 10.44
C ASN D 303 3.63 -19.67 10.76
N PHE D 304 3.09 -19.97 11.93
CA PHE D 304 2.88 -21.34 12.36
C PHE D 304 1.46 -21.50 12.90
N TYR D 305 0.93 -22.72 12.80
CA TYR D 305 -0.35 -23.05 13.41
C TYR D 305 -0.32 -24.50 13.85
N PRO D 306 -0.81 -24.82 15.05
CA PRO D 306 -1.49 -23.93 16.01
C PRO D 306 -0.56 -23.08 16.87
N ARG D 307 -1.18 -22.33 17.79
CA ARG D 307 -0.48 -21.36 18.63
C ARG D 307 0.52 -22.03 19.56
N GLU D 308 0.26 -23.27 19.98
CA GLU D 308 1.13 -23.94 20.93
C GLU D 308 2.49 -24.23 20.28
N ALA D 309 3.55 -23.80 20.96
CA ALA D 309 4.91 -24.03 20.49
C ALA D 309 5.85 -24.05 21.69
N LYS D 310 6.93 -24.81 21.56
CA LYS D 310 7.88 -24.99 22.66
C LYS D 310 9.23 -24.40 22.23
N VAL D 311 9.64 -23.32 22.90
CA VAL D 311 10.90 -22.64 22.60
C VAL D 311 11.81 -22.75 23.81
N GLN D 312 12.97 -23.35 23.63
CA GLN D 312 13.94 -23.54 24.70
C GLN D 312 15.27 -22.91 24.29
N TRP D 313 15.90 -22.23 25.23
CA TRP D 313 17.22 -21.64 25.00
C TRP D 313 18.30 -22.55 25.57
N LYS D 314 19.37 -22.73 24.80
CA LYS D 314 20.52 -23.51 25.24
C LYS D 314 21.79 -22.70 24.95
N VAL D 315 22.48 -22.33 26.01
CA VAL D 315 23.70 -21.53 25.92
C VAL D 315 24.86 -22.47 26.25
N ASP D 316 25.61 -22.85 25.21
CA ASP D 316 26.67 -23.86 25.33
C ASP D 316 26.12 -25.18 25.88
N ASN D 317 24.99 -25.62 25.31
CA ASN D 317 24.30 -26.85 25.66
C ASN D 317 23.68 -26.81 27.05
N ALA D 318 23.72 -25.66 27.72
CA ALA D 318 23.11 -25.51 29.02
C ALA D 318 21.70 -24.96 28.85
N LEU D 319 20.71 -25.76 29.24
CA LEU D 319 19.32 -25.31 29.17
C LEU D 319 19.09 -24.10 30.05
N GLN D 320 18.48 -23.07 29.48
CA GLN D 320 18.26 -21.81 30.18
C GLN D 320 16.88 -21.81 30.83
N SER D 321 16.74 -21.01 31.89
CA SER D 321 15.45 -20.83 32.54
C SER D 321 15.40 -19.50 33.26
N GLY D 322 14.28 -18.80 33.11
CA GLY D 322 14.02 -17.58 33.85
C GLY D 322 14.62 -16.31 33.27
N ASN D 323 15.32 -16.39 32.13
CA ASN D 323 16.01 -15.23 31.58
C ASN D 323 15.56 -14.92 30.16
N SER D 324 14.36 -15.34 29.77
CA SER D 324 13.84 -15.07 28.44
C SER D 324 12.36 -14.75 28.53
N GLN D 325 11.90 -13.91 27.62
CA GLN D 325 10.49 -13.52 27.55
C GLN D 325 9.94 -13.76 26.14
N GLU D 326 8.71 -14.25 26.07
CA GLU D 326 8.06 -14.54 24.81
C GLU D 326 7.01 -13.47 24.49
N SER D 327 6.72 -13.35 23.21
CA SER D 327 5.63 -12.50 22.73
C SER D 327 5.03 -13.19 21.52
N VAL D 328 3.71 -13.12 21.40
CA VAL D 328 3.02 -13.84 20.35
C VAL D 328 2.21 -12.85 19.53
N THR D 329 2.34 -12.96 18.22
CA THR D 329 1.60 -12.12 17.30
C THR D 329 0.12 -12.50 17.39
N GLU D 330 -0.75 -11.52 17.13
CA GLU D 330 -2.18 -11.86 17.03
C GLU D 330 -2.42 -12.58 15.72
N GLN D 331 -3.44 -13.45 15.71
CA GLN D 331 -3.64 -14.32 14.57
C GLN D 331 -3.74 -13.50 13.28
N ASP D 332 -3.08 -13.98 12.24
CA ASP D 332 -3.08 -13.28 10.97
C ASP D 332 -4.45 -13.36 10.30
N SER D 333 -4.91 -12.23 9.76
CA SER D 333 -6.23 -12.13 9.16
C SER D 333 -6.31 -12.71 7.74
N LYS D 334 -5.23 -13.25 7.20
CA LYS D 334 -5.26 -13.84 5.86
C LYS D 334 -4.95 -15.34 5.88
N ASP D 335 -3.79 -15.74 6.43
CA ASP D 335 -3.44 -17.15 6.48
C ASP D 335 -3.68 -17.78 7.85
N SER D 336 -4.16 -17.00 8.83
CA SER D 336 -4.59 -17.53 10.13
C SER D 336 -3.44 -18.15 10.91
N THR D 337 -2.22 -17.71 10.66
CA THR D 337 -1.05 -18.23 11.36
C THR D 337 -0.63 -17.27 12.47
N TYR D 338 0.27 -17.75 13.32
CA TYR D 338 0.85 -16.97 14.41
C TYR D 338 2.34 -16.80 14.18
N SER D 339 2.90 -15.79 14.85
CA SER D 339 4.34 -15.63 14.95
C SER D 339 4.69 -15.36 16.42
N LEU D 340 5.90 -15.75 16.79
CA LEU D 340 6.34 -15.68 18.18
C LEU D 340 7.79 -15.24 18.22
N SER D 341 8.09 -14.31 19.12
CA SER D 341 9.46 -13.94 19.41
C SER D 341 9.81 -14.39 20.82
N SER D 342 11.00 -14.94 20.99
CA SER D 342 11.51 -15.25 22.31
C SER D 342 12.83 -14.53 22.47
N THR D 343 12.90 -13.62 23.45
CA THR D 343 14.06 -12.78 23.66
C THR D 343 14.78 -13.28 24.90
N LEU D 344 16.00 -13.78 24.71
CA LEU D 344 16.87 -14.16 25.79
C LEU D 344 17.75 -12.96 26.12
N THR D 345 17.59 -12.41 27.31
CA THR D 345 18.34 -11.24 27.73
C THR D 345 19.37 -11.69 28.75
N LEU D 346 20.63 -11.37 28.48
CA LEU D 346 21.75 -11.67 29.34
C LEU D 346 22.51 -10.39 29.61
N SER D 347 23.35 -10.40 30.61
CA SER D 347 24.31 -9.33 30.73
C SER D 347 25.38 -9.50 29.65
N LYS D 348 26.00 -8.39 29.25
CA LYS D 348 27.08 -8.50 28.29
C LYS D 348 28.08 -9.54 28.77
N ALA D 349 28.47 -9.45 30.05
CA ALA D 349 29.39 -10.40 30.65
C ALA D 349 28.96 -11.84 30.42
N ASP D 350 27.72 -12.18 30.81
CA ASP D 350 27.20 -13.52 30.56
C ASP D 350 27.31 -13.88 29.09
N TYR D 351 26.96 -12.94 28.21
CA TYR D 351 26.96 -13.22 26.78
C TYR D 351 28.38 -13.52 26.28
N GLU D 352 29.37 -12.81 26.81
CA GLU D 352 30.75 -12.98 26.34
C GLU D 352 31.46 -14.14 27.01
N LYS D 353 30.89 -14.71 28.08
CA LYS D 353 31.43 -15.95 28.64
C LYS D 353 30.94 -17.20 27.94
N HIS D 354 30.30 -17.10 26.78
CA HIS D 354 29.86 -18.29 26.07
C HIS D 354 30.06 -18.09 24.58
N LYS D 355 30.00 -19.19 23.84
CA LYS D 355 30.23 -19.18 22.41
C LYS D 355 28.98 -19.55 21.62
N VAL D 356 28.36 -20.68 21.94
CA VAL D 356 27.24 -21.22 21.18
C VAL D 356 25.93 -20.77 21.81
N TYR D 357 25.07 -20.15 21.01
CA TYR D 357 23.76 -19.69 21.45
C TYR D 357 22.71 -20.33 20.56
N ALA D 358 21.80 -21.10 21.17
CA ALA D 358 20.87 -21.92 20.41
C ALA D 358 19.44 -21.73 20.90
N CYS D 359 18.53 -21.71 19.93
CA CYS D 359 17.09 -21.73 20.13
C CYS D 359 16.58 -23.06 19.59
N GLU D 360 15.85 -23.80 20.42
CA GLU D 360 15.37 -25.13 20.08
C GLU D 360 13.84 -25.10 20.10
N VAL D 361 13.24 -25.53 18.99
CA VAL D 361 11.81 -25.33 18.75
C VAL D 361 11.18 -26.70 18.53
N THR D 362 10.15 -27.00 19.32
CA THR D 362 9.30 -28.16 19.12
C THR D 362 7.90 -27.67 18.77
N HIS D 363 7.33 -28.21 17.71
CA HIS D 363 6.03 -27.78 17.22
C HIS D 363 5.34 -28.94 16.51
N GLN D 364 4.01 -28.89 16.49
CA GLN D 364 3.22 -29.97 15.92
C GLN D 364 3.58 -30.25 14.47
N GLY D 365 3.91 -29.21 13.71
CA GLY D 365 4.29 -29.38 12.32
C GLY D 365 5.71 -29.83 12.08
N LEU D 366 6.54 -29.91 13.13
CA LEU D 366 7.91 -30.39 13.03
C LEU D 366 7.99 -31.76 13.70
N SER D 367 8.40 -32.78 12.94
CA SER D 367 8.46 -34.13 13.51
C SER D 367 9.64 -34.31 14.46
N SER D 368 10.68 -33.51 14.31
CA SER D 368 11.80 -33.51 15.23
C SER D 368 12.20 -32.06 15.48
N PRO D 369 12.68 -31.74 16.69
CA PRO D 369 12.89 -30.35 17.05
C PRO D 369 13.95 -29.69 16.18
N VAL D 370 13.68 -28.44 15.79
CA VAL D 370 14.56 -27.67 14.93
C VAL D 370 15.38 -26.73 15.79
N THR D 371 16.67 -26.62 15.51
CA THR D 371 17.59 -25.80 16.29
C THR D 371 18.24 -24.76 15.40
N LYS D 372 18.18 -23.50 15.82
CA LYS D 372 18.96 -22.43 15.21
C LYS D 372 19.99 -21.92 16.21
N SER D 373 21.25 -21.87 15.78
CA SER D 373 22.33 -21.51 16.69
C SER D 373 23.34 -20.63 15.97
N PHE D 374 24.20 -20.00 16.77
CA PHE D 374 25.34 -19.27 16.23
C PHE D 374 26.47 -19.23 17.25
N ASN D 375 27.69 -19.11 16.73
CA ASN D 375 28.89 -18.95 17.54
C ASN D 375 29.31 -17.49 17.52
N ARG D 376 29.59 -16.92 18.68
CA ARG D 376 29.94 -15.50 18.75
C ARG D 376 31.24 -15.17 18.02
C ACT E . -8.96 10.46 12.96
O ACT E . -9.80 9.56 13.27
OXT ACT E . -8.95 11.19 11.93
CH3 ACT E . -7.78 10.72 13.99
C1 EDO F . -3.36 4.86 20.58
O1 EDO F . -4.23 3.73 20.74
C2 EDO F . -2.88 5.32 21.96
O2 EDO F . -2.36 6.65 21.89
C1 EDO G . 3.54 24.41 -11.87
O1 EDO G . 2.12 24.65 -11.78
C2 EDO G . 4.32 25.15 -10.77
O2 EDO G . 3.99 24.65 -9.47
C1 EDO H . -12.51 -3.80 12.98
O1 EDO H . -12.30 -3.74 11.56
C2 EDO H . -11.55 -2.84 13.68
O2 EDO H . -11.58 -3.06 15.10
C1 EDO I . -36.29 0.39 23.34
O1 EDO I . -36.35 -0.06 24.71
C2 EDO I . -37.51 -0.13 22.59
O2 EDO I . -37.64 0.54 21.33
C1 EDO J . -69.45 4.26 33.21
O1 EDO J . -69.02 4.18 34.57
C2 EDO J . -70.34 5.50 33.03
O2 EDO J . -70.69 5.61 31.65
#